data_6P2M
#
_entry.id   6P2M
#
_cell.length_a   64.994
_cell.length_b   72.759
_cell.length_c   150.703
_cell.angle_alpha   90.00
_cell.angle_beta   90.00
_cell.angle_gamma   90.00
#
_symmetry.space_group_name_H-M   'P 21 21 21'
#
loop_
_entity.id
_entity.type
_entity.pdbx_description
1 polymer 'Type 3a cellulose-binding domain protein'
2 branched beta-D-galactopyranose-(1-2)-alpha-D-xylopyranose-(1-6)-beta-D-glucopyranose-(1-4)-[beta-D-galactopyranose-(1-2)-alpha-D-xylopyranose-(1-6)]beta-D-glucopyranose-(1-4)-beta-D-glucopyranose
3 non-polymer 3,6,9,12,15,18,21,24,27,30,33,36,39-TRIDECAOXAHENTETRACONTANE-1,41-DIOL
4 non-polymer GLYCEROL
5 non-polymer 2-AMINO-2-HYDROXYMETHYL-PROPANE-1,3-DIOL
6 water water
#
_entity_poly.entity_id   1
_entity_poly.type   'polypeptide(L)'
_entity_poly.pdbx_seq_one_letter_code
;SNAMAASEPYTWKNVVIGGGGYVTGIIYHPNQSGLVYARTDIGGAYRWDSATSQWIPITDMLNRNNSDYMGILSIAIDPN
DVNRVYMLCGKYTQSWAGTGAVLASTDKGATWTIYPLSVKIGGNEDGRGLGERLQVDPNLGSILFMGTTRDGLWKSTDRG
ATWVRVTSFTPTNINFVIFDKSSSSLGQATKRIFVGVNDTSGQSLWRSDDGGNTWKVVAGQPTGVMAMKAEIASGYLYVT
FANSPGPNNATAGSVWRYTISNGEWKDISPAKGSYGYCGISVDPRNPNHILVATLDLWWPRDQIWRTTDGGSTWTPLLWN
PSNNAVIAKFDTSSAPWAAIRNPHWITDIKIDPFNSNKAMFVTGYGIWACDNLSASPTTWYFRNKGLEEMVPIEIVSPPS
GALLLSAMGDQGVFRHDSLDASPSMGVALDVGTAGSIDYAESIPSKIVATYYSAPYGAYSTDGGKTWTKFASYPAGTTGG
GTRAIAISADGNRIVWAPNGAPMSYSTNNGSSWTTCGGGVPSGLSVEADKVNSNKFYAYDPVNGKLWVSTNGGVSFTQMS
TSYPTLPSWQAYNGSVNAVFGREGDIWITCGAGGLYHSTNSGASATKVNSVQEAYSIGFGKAKTSGGYPAIYLHGIVNGV
LGIFRSDDGGSTWTRINDDNHQFGWIHMIRGDQRTYGLCYVSAEGRGVIYGLPTPT
;
_entity_poly.pdbx_strand_id   A
#
# COMPACT_ATOMS: atom_id res chain seq x y z
N SER A 1 17.73 -12.86 -19.90
CA SER A 1 18.01 -13.42 -18.58
C SER A 1 19.04 -12.57 -17.84
N ASN A 2 18.76 -12.26 -16.58
CA ASN A 2 19.76 -11.60 -15.74
C ASN A 2 20.81 -12.63 -15.30
N ALA A 3 22.00 -12.14 -14.96
CA ALA A 3 23.09 -13.01 -14.54
C ALA A 3 22.85 -13.50 -13.12
N MET A 4 23.00 -14.81 -12.86
CA MET A 4 22.63 -15.36 -11.55
C MET A 4 23.90 -15.58 -10.73
N ALA A 5 24.36 -14.51 -10.12
CA ALA A 5 25.59 -14.58 -9.35
C ALA A 5 25.37 -15.28 -8.01
N ALA A 6 26.45 -15.38 -7.22
CA ALA A 6 26.39 -16.06 -5.95
C ALA A 6 25.44 -15.36 -4.98
N SER A 7 24.63 -16.16 -4.29
CA SER A 7 23.68 -15.63 -3.32
C SER A 7 23.36 -16.72 -2.31
N GLU A 8 22.83 -16.31 -1.16
CA GLU A 8 22.36 -17.31 -0.22
C GLU A 8 20.85 -17.43 -0.32
N PRO A 9 20.31 -18.64 -0.44
CA PRO A 9 18.85 -18.77 -0.52
C PRO A 9 18.18 -18.32 0.77
N TYR A 10 17.22 -17.41 0.63
CA TYR A 10 16.49 -16.83 1.75
C TYR A 10 15.00 -17.09 1.59
N THR A 11 14.31 -17.18 2.72
CA THR A 11 12.86 -17.26 2.76
C THR A 11 12.34 -15.93 3.28
N TRP A 12 11.47 -15.28 2.51
CA TRP A 12 10.92 -13.98 2.86
C TRP A 12 9.43 -14.12 3.15
N LYS A 13 8.99 -13.59 4.30
CA LYS A 13 7.60 -13.64 4.69
C LYS A 13 7.19 -12.31 5.31
N ASN A 14 5.93 -11.95 5.14
CA ASN A 14 5.40 -10.76 5.77
C ASN A 14 5.25 -10.96 7.27
N VAL A 15 5.61 -9.92 8.04
CA VAL A 15 5.17 -9.88 9.42
C VAL A 15 3.65 -9.81 9.43
N VAL A 16 3.01 -10.74 10.15
CA VAL A 16 1.56 -10.85 10.09
C VAL A 16 0.94 -9.71 10.89
N ILE A 17 0.19 -8.85 10.19
CA ILE A 17 -0.53 -7.75 10.81
C ILE A 17 -1.96 -7.75 10.28
N GLY A 18 -2.10 -7.64 8.96
CA GLY A 18 -3.40 -7.81 8.32
C GLY A 18 -3.94 -6.57 7.65
N GLY A 19 -3.94 -6.57 6.32
CA GLY A 19 -4.54 -5.47 5.58
C GLY A 19 -3.84 -4.15 5.85
N GLY A 20 -4.62 -3.14 6.23
CA GLY A 20 -4.09 -1.85 6.61
C GLY A 20 -4.18 -0.78 5.55
N GLY A 21 -4.49 -1.14 4.31
CA GLY A 21 -4.54 -0.18 3.22
C GLY A 21 -5.75 -0.42 2.33
N TYR A 22 -5.87 0.43 1.32
CA TYR A 22 -7.02 0.45 0.42
C TYR A 22 -6.89 -0.66 -0.63
N VAL A 23 -7.72 -1.68 -0.52
CA VAL A 23 -7.86 -2.68 -1.57
C VAL A 23 -8.90 -2.17 -2.56
N THR A 24 -8.54 -2.08 -3.83
CA THR A 24 -9.36 -1.37 -4.79
C THR A 24 -10.17 -2.26 -5.72
N GLY A 25 -10.01 -3.57 -5.63
CA GLY A 25 -10.81 -4.45 -6.46
C GLY A 25 -10.62 -5.93 -6.17
N ILE A 26 -11.68 -6.71 -6.43
CA ILE A 26 -11.65 -8.16 -6.31
C ILE A 26 -12.29 -8.74 -7.56
N ILE A 27 -11.68 -9.79 -8.11
CA ILE A 27 -12.21 -10.45 -9.31
C ILE A 27 -12.19 -11.95 -9.09
N TYR A 28 -13.39 -12.55 -9.04
CA TYR A 28 -13.51 -14.00 -9.16
C TYR A 28 -13.40 -14.41 -10.62
N HIS A 29 -12.66 -15.46 -10.89
CA HIS A 29 -12.66 -15.98 -12.26
C HIS A 29 -13.94 -16.78 -12.50
N PRO A 30 -14.68 -16.50 -13.57
CA PRO A 30 -15.99 -17.14 -13.75
C PRO A 30 -15.93 -18.56 -14.27
N ASN A 31 -14.74 -19.06 -14.64
CA ASN A 31 -14.62 -20.40 -15.22
C ASN A 31 -13.54 -21.23 -14.54
N GLN A 32 -13.14 -20.87 -13.32
CA GLN A 32 -12.29 -21.73 -12.52
C GLN A 32 -12.58 -21.46 -11.06
N SER A 33 -13.16 -22.44 -10.37
CA SER A 33 -13.48 -22.27 -8.97
C SER A 33 -12.20 -22.17 -8.14
N GLY A 34 -12.19 -21.23 -7.20
CA GLY A 34 -11.03 -21.01 -6.35
C GLY A 34 -10.00 -20.04 -6.89
N LEU A 35 -10.20 -19.50 -8.09
CA LEU A 35 -9.27 -18.55 -8.69
C LEU A 35 -9.82 -17.14 -8.49
N VAL A 36 -9.14 -16.36 -7.65
CA VAL A 36 -9.59 -15.01 -7.29
C VAL A 36 -8.37 -14.10 -7.21
N TYR A 37 -8.51 -12.87 -7.70
CA TYR A 37 -7.46 -11.87 -7.66
C TYR A 37 -7.95 -10.62 -6.92
N ALA A 38 -7.00 -9.86 -6.38
CA ALA A 38 -7.28 -8.62 -5.70
C ALA A 38 -6.24 -7.58 -6.10
N ARG A 39 -6.70 -6.34 -6.27
CA ARG A 39 -5.81 -5.23 -6.62
C ARG A 39 -5.83 -4.17 -5.52
N THR A 40 -4.71 -3.47 -5.38
CA THR A 40 -4.56 -2.40 -4.40
C THR A 40 -3.99 -1.17 -5.10
N ASP A 41 -3.96 -0.05 -4.37
CA ASP A 41 -3.55 1.20 -4.97
C ASP A 41 -2.05 1.50 -4.84
N ILE A 42 -1.36 0.92 -3.85
CA ILE A 42 0.06 1.17 -3.68
C ILE A 42 0.82 -0.10 -3.34
N GLY A 43 0.12 -1.24 -3.31
CA GLY A 43 0.74 -2.47 -2.85
C GLY A 43 0.63 -3.64 -3.79
N GLY A 44 0.49 -3.36 -5.08
CA GLY A 44 0.46 -4.45 -6.05
C GLY A 44 -0.84 -5.25 -5.99
N ALA A 45 -0.74 -6.48 -6.44
CA ALA A 45 -1.90 -7.37 -6.57
C ALA A 45 -1.65 -8.67 -5.82
N TYR A 46 -2.72 -9.45 -5.68
CA TYR A 46 -2.68 -10.71 -4.95
C TYR A 46 -3.52 -11.75 -5.69
N ARG A 47 -3.20 -13.01 -5.43
CA ARG A 47 -4.00 -14.14 -5.87
C ARG A 47 -4.35 -14.99 -4.66
N TRP A 48 -5.61 -15.39 -4.56
CA TRP A 48 -6.03 -16.22 -3.43
C TRP A 48 -5.45 -17.62 -3.56
N ASP A 49 -5.07 -18.19 -2.42
CA ASP A 49 -4.56 -19.56 -2.35
C ASP A 49 -5.43 -20.32 -1.37
N SER A 50 -6.36 -21.13 -1.90
CA SER A 50 -7.26 -21.90 -1.04
CA SER A 50 -7.26 -21.90 -1.04
C SER A 50 -6.52 -22.96 -0.26
N ALA A 51 -5.47 -23.55 -0.84
CA ALA A 51 -4.73 -24.61 -0.15
C ALA A 51 -4.11 -24.12 1.15
N THR A 52 -3.67 -22.87 1.20
CA THR A 52 -3.07 -22.31 2.41
C THR A 52 -3.91 -21.21 3.03
N SER A 53 -5.12 -20.96 2.50
CA SER A 53 -6.07 -20.00 3.07
C SER A 53 -5.45 -18.61 3.25
N GLN A 54 -4.73 -18.14 2.24
CA GLN A 54 -4.12 -16.82 2.31
C GLN A 54 -3.94 -16.25 0.92
N TRP A 55 -3.75 -14.92 0.88
CA TRP A 55 -3.47 -14.22 -0.37
C TRP A 55 -1.99 -14.27 -0.68
N ILE A 56 -1.66 -14.43 -1.96
CA ILE A 56 -0.29 -14.54 -2.44
C ILE A 56 0.05 -13.24 -3.17
N PRO A 57 1.04 -12.46 -2.72
CA PRO A 57 1.46 -11.30 -3.49
C PRO A 57 2.11 -11.74 -4.80
N ILE A 58 1.68 -11.15 -5.90
CA ILE A 58 2.14 -11.59 -7.22
C ILE A 58 2.89 -10.50 -7.97
N THR A 59 3.29 -9.42 -7.28
CA THR A 59 3.99 -8.32 -7.93
C THR A 59 5.29 -7.96 -7.22
N ASP A 60 5.87 -8.88 -6.45
CA ASP A 60 7.08 -8.55 -5.70
C ASP A 60 8.34 -8.57 -6.56
N MET A 61 8.21 -8.82 -7.87
CA MET A 61 9.33 -8.63 -8.78
C MET A 61 9.47 -7.19 -9.24
N LEU A 62 8.47 -6.34 -9.00
CA LEU A 62 8.66 -4.91 -9.19
C LEU A 62 9.74 -4.41 -8.23
N ASN A 63 10.50 -3.40 -8.69
CA ASN A 63 11.65 -2.94 -7.92
C ASN A 63 11.67 -1.43 -7.80
N ARG A 64 12.80 -0.89 -7.34
CA ARG A 64 12.94 0.55 -7.13
C ARG A 64 12.82 1.35 -8.42
N ASN A 65 13.05 0.71 -9.57
CA ASN A 65 13.01 1.41 -10.84
C ASN A 65 11.62 1.46 -11.46
N ASN A 66 10.72 0.55 -11.07
CA ASN A 66 9.36 0.57 -11.61
C ASN A 66 8.33 0.38 -10.51
N SER A 67 8.60 0.89 -9.30
CA SER A 67 7.70 0.73 -8.17
C SER A 67 6.34 1.39 -8.40
N ASP A 68 6.25 2.36 -9.30
CA ASP A 68 4.94 2.95 -9.60
C ASP A 68 3.96 1.91 -10.12
N TYR A 69 4.45 0.83 -10.74
CA TYR A 69 3.57 -0.22 -11.22
C TYR A 69 2.90 -0.99 -10.09
N MET A 70 3.28 -0.75 -8.83
CA MET A 70 2.56 -1.32 -7.70
C MET A 70 1.16 -0.74 -7.59
N GLY A 71 0.90 0.40 -8.21
CA GLY A 71 -0.45 0.92 -8.30
C GLY A 71 -1.22 0.17 -9.36
N ILE A 72 -2.25 -0.57 -8.95
CA ILE A 72 -3.02 -1.40 -9.87
C ILE A 72 -4.35 -0.71 -10.10
N LEU A 73 -4.46 0.03 -11.21
CA LEU A 73 -5.71 0.73 -11.50
C LEU A 73 -6.80 -0.23 -11.96
N SER A 74 -6.41 -1.37 -12.53
CA SER A 74 -7.40 -2.34 -12.97
C SER A 74 -6.75 -3.70 -13.11
N ILE A 75 -7.55 -4.74 -12.95
CA ILE A 75 -7.10 -6.12 -13.14
C ILE A 75 -8.19 -6.86 -13.92
N ALA A 76 -7.78 -7.75 -14.81
CA ALA A 76 -8.73 -8.40 -15.70
C ALA A 76 -8.30 -9.83 -15.99
N ILE A 77 -9.28 -10.71 -16.13
CA ILE A 77 -9.03 -12.10 -16.48
C ILE A 77 -9.60 -12.37 -17.87
N ASP A 78 -9.27 -13.55 -18.40
CA ASP A 78 -9.82 -14.03 -19.66
C ASP A 78 -10.74 -15.20 -19.37
N PRO A 79 -12.05 -15.08 -19.61
CA PRO A 79 -12.95 -16.20 -19.30
C PRO A 79 -12.63 -17.46 -20.08
N ASN A 80 -12.00 -17.34 -21.25
CA ASN A 80 -11.68 -18.49 -22.09
C ASN A 80 -10.25 -18.98 -21.93
N ASP A 81 -9.47 -18.38 -21.03
CA ASP A 81 -8.12 -18.88 -20.73
C ASP A 81 -7.84 -18.58 -19.26
N VAL A 82 -8.00 -19.61 -18.42
CA VAL A 82 -7.91 -19.43 -16.97
C VAL A 82 -6.51 -19.09 -16.48
N ASN A 83 -5.49 -19.31 -17.31
CA ASN A 83 -4.12 -19.02 -16.90
C ASN A 83 -3.71 -17.57 -17.13
N ARG A 84 -4.55 -16.78 -17.79
CA ARG A 84 -4.21 -15.40 -18.12
C ARG A 84 -4.71 -14.43 -17.07
N VAL A 85 -3.95 -13.36 -16.86
CA VAL A 85 -4.39 -12.24 -16.04
C VAL A 85 -3.63 -11.00 -16.49
N TYR A 86 -4.34 -9.88 -16.57
CA TYR A 86 -3.77 -8.62 -17.01
C TYR A 86 -3.92 -7.58 -15.92
N MET A 87 -3.01 -6.60 -15.91
CA MET A 87 -3.07 -5.53 -14.95
C MET A 87 -2.74 -4.20 -15.62
N LEU A 88 -3.50 -3.17 -15.29
CA LEU A 88 -3.23 -1.80 -15.69
C LEU A 88 -2.54 -1.11 -14.53
N CYS A 89 -1.29 -0.68 -14.73
CA CYS A 89 -0.39 -0.35 -13.64
C CYS A 89 0.13 1.07 -13.72
N GLY A 90 0.29 1.70 -12.58
CA GLY A 90 0.72 3.08 -12.45
C GLY A 90 0.03 3.71 -11.26
N LYS A 91 0.60 4.80 -10.76
CA LYS A 91 0.09 5.45 -9.57
C LYS A 91 -0.51 6.82 -9.83
N TYR A 92 0.19 7.71 -10.55
CA TYR A 92 -0.22 9.10 -10.67
C TYR A 92 -0.22 9.53 -12.13
N THR A 93 -0.95 10.62 -12.39
CA THR A 93 -1.07 11.19 -13.73
C THR A 93 -0.60 12.64 -13.77
N GLN A 94 0.04 13.13 -12.72
CA GLN A 94 0.50 14.50 -12.69
C GLN A 94 1.71 14.69 -13.63
N SER A 95 2.09 15.96 -13.82
CA SER A 95 3.16 16.27 -14.75
C SER A 95 4.48 15.64 -14.33
N TRP A 96 4.71 15.47 -13.03
CA TRP A 96 5.94 14.89 -12.54
C TRP A 96 5.94 13.37 -12.57
N ALA A 97 4.82 12.74 -12.92
CA ALA A 97 4.70 11.29 -12.86
C ALA A 97 5.04 10.66 -14.21
N GLY A 98 5.59 9.45 -14.15
CA GLY A 98 5.90 8.71 -15.34
C GLY A 98 4.67 8.03 -15.93
N THR A 99 4.88 7.37 -17.07
CA THR A 99 3.80 6.66 -17.74
C THR A 99 3.54 5.32 -17.07
N GLY A 100 2.35 4.78 -17.34
CA GLY A 100 1.94 3.50 -16.79
C GLY A 100 2.36 2.34 -17.67
N ALA A 101 1.77 1.19 -17.39
CA ALA A 101 2.09 -0.02 -18.14
C ALA A 101 0.96 -1.03 -18.03
N VAL A 102 0.89 -1.91 -19.02
CA VAL A 102 0.05 -3.09 -18.97
C VAL A 102 0.95 -4.30 -18.70
N LEU A 103 0.62 -5.07 -17.68
CA LEU A 103 1.35 -6.29 -17.35
C LEU A 103 0.48 -7.48 -17.74
N ALA A 104 1.07 -8.42 -18.47
CA ALA A 104 0.35 -9.59 -18.97
C ALA A 104 1.01 -10.86 -18.46
N SER A 105 0.21 -11.79 -17.97
CA SER A 105 0.70 -13.05 -17.43
C SER A 105 -0.06 -14.19 -18.08
N THR A 106 0.66 -15.28 -18.36
CA THR A 106 0.05 -16.54 -18.79
C THR A 106 0.24 -17.65 -17.78
N ASP A 107 0.68 -17.32 -16.56
CA ASP A 107 0.85 -18.29 -15.49
C ASP A 107 0.25 -17.77 -14.19
N LYS A 108 -0.91 -17.12 -14.29
CA LYS A 108 -1.69 -16.66 -13.13
C LYS A 108 -0.89 -15.71 -12.24
N GLY A 109 -0.01 -14.92 -12.85
CA GLY A 109 0.73 -13.91 -12.12
C GLY A 109 2.07 -14.34 -11.56
N ALA A 110 2.53 -15.56 -11.87
CA ALA A 110 3.86 -15.96 -11.42
C ALA A 110 4.94 -15.18 -12.14
N THR A 111 4.75 -14.92 -13.43
CA THR A 111 5.64 -14.08 -14.22
C THR A 111 4.81 -13.12 -15.04
N TRP A 112 5.39 -11.98 -15.39
CA TRP A 112 4.69 -10.95 -16.15
C TRP A 112 5.56 -10.45 -17.29
N THR A 113 4.93 -10.13 -18.41
CA THR A 113 5.52 -9.31 -19.45
C THR A 113 5.06 -7.87 -19.23
N ILE A 114 6.01 -6.94 -19.24
CA ILE A 114 5.72 -5.53 -18.95
C ILE A 114 5.64 -4.77 -20.27
N TYR A 115 4.47 -4.18 -20.54
CA TYR A 115 4.27 -3.37 -21.74
C TYR A 115 4.12 -1.91 -21.35
N PRO A 116 5.18 -1.11 -21.43
CA PRO A 116 5.05 0.32 -21.09
C PRO A 116 4.14 1.05 -22.06
N LEU A 117 3.32 1.95 -21.52
CA LEU A 117 2.37 2.72 -22.30
C LEU A 117 2.89 4.13 -22.51
N SER A 118 2.20 4.86 -23.41
CA SER A 118 2.47 6.27 -23.61
C SER A 118 1.60 7.15 -22.73
N VAL A 119 0.78 6.55 -21.87
CA VAL A 119 -0.19 7.25 -21.05
C VAL A 119 0.12 6.99 -19.58
N LYS A 120 -0.36 7.89 -18.73
CA LYS A 120 -0.17 7.79 -17.29
C LYS A 120 -1.39 7.13 -16.66
N ILE A 121 -1.15 6.32 -15.64
CA ILE A 121 -2.18 5.47 -15.03
C ILE A 121 -2.34 5.89 -13.58
N GLY A 122 -3.55 6.31 -13.21
CA GLY A 122 -3.80 6.83 -11.88
C GLY A 122 -4.26 5.82 -10.84
N GLY A 123 -3.46 4.77 -10.63
CA GLY A 123 -3.82 3.74 -9.68
C GLY A 123 -3.93 4.20 -8.24
N ASN A 124 -3.38 5.37 -7.91
CA ASN A 124 -3.47 5.91 -6.56
C ASN A 124 -4.04 7.32 -6.57
N GLU A 125 -4.97 7.59 -7.47
CA GLU A 125 -5.63 8.89 -7.53
C GLU A 125 -7.14 8.69 -7.38
N ASP A 126 -7.87 9.81 -7.42
CA ASP A 126 -9.32 9.77 -7.29
C ASP A 126 -9.92 8.80 -8.29
N GLY A 127 -10.99 8.14 -7.88
CA GLY A 127 -11.66 7.19 -8.75
C GLY A 127 -10.95 5.87 -8.95
N ARG A 128 -9.86 5.62 -8.21
CA ARG A 128 -9.12 4.38 -8.41
C ARG A 128 -9.94 3.15 -8.07
N GLY A 129 -10.95 3.28 -7.22
CA GLY A 129 -11.85 2.18 -6.90
C GLY A 129 -12.96 1.96 -7.90
N LEU A 130 -13.12 2.86 -8.88
CA LEU A 130 -14.02 2.58 -9.99
C LEU A 130 -13.39 1.55 -10.91
N GLY A 131 -14.22 0.94 -11.73
CA GLY A 131 -13.74 -0.02 -12.71
C GLY A 131 -14.78 -1.07 -13.01
N GLU A 132 -14.33 -2.13 -13.69
CA GLU A 132 -12.92 -2.26 -14.06
C GLU A 132 -12.63 -1.59 -15.41
N ARG A 133 -11.55 -0.81 -15.46
CA ARG A 133 -11.19 -0.07 -16.67
C ARG A 133 -10.53 -0.95 -17.73
N LEU A 134 -9.93 -2.06 -17.33
CA LEU A 134 -9.30 -3.00 -18.25
C LEU A 134 -10.20 -4.22 -18.41
N GLN A 135 -10.48 -4.59 -19.66
CA GLN A 135 -11.38 -5.70 -19.95
C GLN A 135 -10.85 -6.54 -21.10
N VAL A 136 -10.97 -7.85 -20.97
CA VAL A 136 -10.72 -8.78 -22.07
C VAL A 136 -12.04 -9.08 -22.76
N ASP A 137 -12.05 -9.01 -24.08
CA ASP A 137 -13.24 -9.37 -24.84
C ASP A 137 -13.68 -10.77 -24.49
N PRO A 138 -14.92 -10.96 -23.97
CA PRO A 138 -15.32 -12.29 -23.49
C PRO A 138 -15.56 -13.30 -24.58
N ASN A 139 -15.57 -12.90 -25.85
CA ASN A 139 -15.78 -13.81 -26.96
C ASN A 139 -14.55 -14.01 -27.84
N LEU A 140 -13.66 -13.03 -27.91
CA LEU A 140 -12.41 -13.14 -28.67
C LEU A 140 -11.31 -12.53 -27.81
N GLY A 141 -10.57 -13.38 -27.09
CA GLY A 141 -9.67 -12.96 -26.04
C GLY A 141 -8.46 -12.17 -26.49
N SER A 142 -8.18 -12.13 -27.80
CA SER A 142 -7.07 -11.32 -28.29
C SER A 142 -7.39 -9.82 -28.24
N ILE A 143 -8.64 -9.45 -28.02
CA ILE A 143 -9.06 -8.06 -28.00
C ILE A 143 -9.17 -7.62 -26.54
N LEU A 144 -8.56 -6.47 -26.24
CA LEU A 144 -8.68 -5.84 -24.92
C LEU A 144 -9.00 -4.36 -25.10
N PHE A 145 -9.79 -3.83 -24.18
CA PHE A 145 -10.03 -2.39 -24.12
C PHE A 145 -9.51 -1.86 -22.79
N MET A 146 -9.03 -0.61 -22.83
CA MET A 146 -8.43 0.04 -21.67
C MET A 146 -8.99 1.45 -21.55
N GLY A 147 -9.68 1.73 -20.45
CA GLY A 147 -10.10 3.08 -20.14
C GLY A 147 -9.06 3.76 -19.27
N THR A 148 -8.68 4.97 -19.64
CA THR A 148 -7.74 5.77 -18.87
C THR A 148 -8.42 7.00 -18.32
N THR A 149 -7.78 7.63 -17.34
CA THR A 149 -8.38 8.79 -16.69
C THR A 149 -8.01 10.10 -17.35
N ARG A 150 -6.96 10.12 -18.18
CA ARG A 150 -6.54 11.35 -18.84
CA ARG A 150 -6.52 11.34 -18.84
C ARG A 150 -6.40 11.22 -20.36
N ASP A 151 -6.52 10.02 -20.92
CA ASP A 151 -6.27 9.84 -22.35
C ASP A 151 -7.29 8.95 -23.04
N GLY A 152 -8.52 8.93 -22.53
CA GLY A 152 -9.60 8.28 -23.26
C GLY A 152 -9.48 6.76 -23.28
N LEU A 153 -9.99 6.18 -24.36
CA LEU A 153 -10.15 4.74 -24.50
C LEU A 153 -9.15 4.19 -25.50
N TRP A 154 -8.48 3.10 -25.14
CA TRP A 154 -7.50 2.45 -25.98
C TRP A 154 -7.89 0.99 -26.20
N LYS A 155 -7.54 0.48 -27.38
CA LYS A 155 -7.90 -0.88 -27.78
C LYS A 155 -6.64 -1.64 -28.19
N SER A 156 -6.59 -2.92 -27.84
CA SER A 156 -5.53 -3.82 -28.25
C SER A 156 -6.13 -5.02 -28.97
N THR A 157 -5.44 -5.48 -30.02
CA THR A 157 -5.85 -6.67 -30.74
C THR A 157 -4.83 -7.79 -30.66
N ASP A 158 -3.77 -7.61 -29.87
CA ASP A 158 -2.72 -8.61 -29.71
C ASP A 158 -2.48 -8.90 -28.23
N ARG A 159 -3.56 -9.05 -27.47
CA ARG A 159 -3.51 -9.44 -26.06
C ARG A 159 -2.64 -8.49 -25.23
N GLY A 160 -2.84 -7.19 -25.44
CA GLY A 160 -2.22 -6.17 -24.62
C GLY A 160 -0.81 -5.79 -25.00
N ALA A 161 -0.26 -6.35 -26.08
CA ALA A 161 1.11 -6.03 -26.45
C ALA A 161 1.21 -4.62 -27.03
N THR A 162 0.27 -4.23 -27.89
CA THR A 162 0.24 -2.88 -28.45
C THR A 162 -1.14 -2.29 -28.25
N TRP A 163 -1.19 -0.97 -28.14
CA TRP A 163 -2.43 -0.27 -27.84
C TRP A 163 -2.64 0.87 -28.81
N VAL A 164 -3.88 1.02 -29.27
CA VAL A 164 -4.25 2.03 -30.24
C VAL A 164 -5.38 2.86 -29.65
N ARG A 165 -5.27 4.18 -29.78
CA ARG A 165 -6.32 5.03 -29.26
C ARG A 165 -7.60 4.87 -30.07
N VAL A 166 -8.72 4.72 -29.36
CA VAL A 166 -10.01 4.70 -30.02
C VAL A 166 -10.45 6.14 -30.25
N THR A 167 -10.09 6.70 -31.40
CA THR A 167 -10.33 8.12 -31.64
C THR A 167 -11.81 8.47 -31.70
N SER A 168 -12.69 7.49 -31.93
CA SER A 168 -14.11 7.75 -31.98
C SER A 168 -14.73 7.95 -30.60
N PHE A 169 -14.00 7.67 -29.52
CA PHE A 169 -14.48 7.90 -28.17
C PHE A 169 -13.88 9.21 -27.67
N THR A 170 -14.70 10.24 -27.55
CA THR A 170 -14.26 11.60 -27.29
C THR A 170 -13.94 11.88 -25.82
N PRO A 171 -14.73 11.41 -24.85
CA PRO A 171 -14.38 11.68 -23.45
C PRO A 171 -13.02 11.10 -23.08
N THR A 172 -12.33 11.81 -22.17
CA THR A 172 -10.96 11.49 -21.83
C THR A 172 -10.78 10.87 -20.45
N ASN A 173 -11.79 10.93 -19.58
CA ASN A 173 -11.69 10.42 -18.21
C ASN A 173 -12.70 9.30 -18.04
N ILE A 174 -12.24 8.05 -18.16
CA ILE A 174 -13.11 6.88 -18.14
C ILE A 174 -13.11 6.25 -16.75
N ASN A 175 -14.30 5.88 -16.27
CA ASN A 175 -14.47 5.22 -14.99
C ASN A 175 -14.43 3.70 -15.11
N PHE A 176 -15.05 3.16 -16.16
CA PHE A 176 -15.09 1.72 -16.36
C PHE A 176 -15.44 1.41 -17.80
N VAL A 177 -15.17 0.16 -18.18
CA VAL A 177 -15.60 -0.43 -19.45
C VAL A 177 -16.26 -1.76 -19.14
N ILE A 178 -17.33 -2.09 -19.86
CA ILE A 178 -18.02 -3.36 -19.63
C ILE A 178 -18.55 -3.88 -20.96
N PHE A 179 -18.26 -5.16 -21.24
CA PHE A 179 -18.78 -5.87 -22.41
C PHE A 179 -20.12 -6.52 -22.09
N ASP A 180 -20.98 -6.59 -23.11
CA ASP A 180 -22.16 -7.43 -23.06
C ASP A 180 -21.84 -8.69 -23.85
N LYS A 181 -21.50 -9.77 -23.15
CA LYS A 181 -21.03 -10.98 -23.80
C LYS A 181 -22.10 -11.64 -24.66
N SER A 182 -23.38 -11.32 -24.42
CA SER A 182 -24.46 -11.89 -25.22
C SER A 182 -24.57 -11.25 -26.59
N SER A 183 -23.81 -10.20 -26.88
CA SER A 183 -23.92 -9.49 -28.14
C SER A 183 -23.10 -10.12 -29.26
N SER A 184 -22.32 -11.16 -28.97
CA SER A 184 -21.59 -11.89 -29.99
C SER A 184 -21.41 -13.33 -29.52
N SER A 185 -20.94 -14.17 -30.43
CA SER A 185 -20.64 -15.57 -30.13
C SER A 185 -19.13 -15.78 -30.04
N LEU A 186 -18.75 -16.94 -29.53
CA LEU A 186 -17.34 -17.25 -29.31
C LEU A 186 -16.54 -17.16 -30.61
N GLY A 187 -15.39 -16.50 -30.55
CA GLY A 187 -14.55 -16.33 -31.70
C GLY A 187 -14.76 -15.06 -32.48
N GLN A 188 -15.74 -14.24 -32.09
CA GLN A 188 -16.02 -12.98 -32.76
C GLN A 188 -15.92 -11.83 -31.77
N ALA A 189 -15.52 -10.66 -32.26
CA ALA A 189 -15.44 -9.47 -31.42
C ALA A 189 -16.80 -9.17 -30.82
N THR A 190 -16.83 -8.87 -29.52
CA THR A 190 -18.07 -8.51 -28.85
C THR A 190 -18.51 -7.13 -29.32
N LYS A 191 -19.78 -7.02 -29.72
CA LYS A 191 -20.26 -5.83 -30.41
C LYS A 191 -20.80 -4.76 -29.47
N ARG A 192 -21.46 -5.15 -28.37
CA ARG A 192 -22.05 -4.19 -27.46
C ARG A 192 -21.08 -3.90 -26.32
N ILE A 193 -20.73 -2.62 -26.16
CA ILE A 193 -19.83 -2.17 -25.11
C ILE A 193 -20.42 -0.91 -24.48
N PHE A 194 -20.37 -0.83 -23.16
CA PHE A 194 -20.72 0.38 -22.43
C PHE A 194 -19.49 0.94 -21.75
N VAL A 195 -19.38 2.26 -21.72
CA VAL A 195 -18.27 2.95 -21.04
C VAL A 195 -18.85 4.07 -20.17
N GLY A 196 -18.47 4.09 -18.91
CA GLY A 196 -18.83 5.17 -18.01
C GLY A 196 -17.65 6.11 -17.81
N VAL A 197 -17.93 7.41 -17.88
CA VAL A 197 -16.89 8.43 -17.79
C VAL A 197 -17.23 9.40 -16.66
N ASN A 198 -16.22 10.15 -16.23
CA ASN A 198 -16.39 11.15 -15.16
C ASN A 198 -17.09 12.36 -15.76
N ASP A 199 -18.41 12.43 -15.56
CA ASP A 199 -19.23 13.52 -16.09
C ASP A 199 -20.56 13.49 -15.35
N THR A 200 -20.99 14.66 -14.87
CA THR A 200 -22.21 14.74 -14.06
C THR A 200 -23.31 15.53 -14.75
N SER A 201 -23.22 15.71 -16.07
CA SER A 201 -24.21 16.46 -16.83
C SER A 201 -25.16 15.55 -17.60
N GLY A 202 -25.16 14.25 -17.32
CA GLY A 202 -25.97 13.31 -18.05
C GLY A 202 -25.29 12.67 -19.24
N GLN A 203 -23.98 12.83 -19.38
CA GLN A 203 -23.24 12.24 -20.49
C GLN A 203 -22.10 11.36 -19.97
N SER A 204 -22.35 10.68 -18.85
CA SER A 204 -21.33 9.78 -18.31
C SER A 204 -21.37 8.41 -18.98
N LEU A 205 -22.55 7.89 -19.28
CA LEU A 205 -22.71 6.54 -19.80
C LEU A 205 -22.81 6.58 -21.32
N TRP A 206 -21.91 5.85 -21.99
CA TRP A 206 -21.88 5.77 -23.44
C TRP A 206 -22.09 4.33 -23.87
N ARG A 207 -22.61 4.16 -25.09
CA ARG A 207 -22.95 2.85 -25.62
C ARG A 207 -22.44 2.70 -27.04
N SER A 208 -21.87 1.53 -27.35
CA SER A 208 -21.52 1.17 -28.71
C SER A 208 -22.13 -0.19 -29.02
N ASP A 209 -22.60 -0.35 -30.26
CA ASP A 209 -23.16 -1.62 -30.70
C ASP A 209 -22.39 -2.23 -31.87
N ASP A 210 -21.26 -1.63 -32.25
CA ASP A 210 -20.45 -2.11 -33.36
C ASP A 210 -19.00 -2.33 -32.93
N GLY A 211 -18.81 -2.88 -31.73
CA GLY A 211 -17.48 -3.24 -31.27
C GLY A 211 -16.59 -2.07 -30.93
N GLY A 212 -17.14 -0.90 -30.64
CA GLY A 212 -16.36 0.27 -30.30
C GLY A 212 -16.03 1.19 -31.44
N ASN A 213 -16.59 0.96 -32.63
CA ASN A 213 -16.31 1.84 -33.76
CA ASN A 213 -16.31 1.84 -33.76
C ASN A 213 -17.05 3.17 -33.62
N THR A 214 -18.31 3.13 -33.19
CA THR A 214 -19.10 4.34 -32.99
C THR A 214 -19.69 4.32 -31.58
N TRP A 215 -20.00 5.51 -31.07
CA TRP A 215 -20.45 5.67 -29.69
C TRP A 215 -21.59 6.68 -29.63
N LYS A 216 -22.43 6.54 -28.61
CA LYS A 216 -23.53 7.49 -28.40
C LYS A 216 -23.86 7.54 -26.91
N VAL A 217 -24.27 8.73 -26.46
CA VAL A 217 -24.71 8.91 -25.09
C VAL A 217 -26.01 8.13 -24.87
N VAL A 218 -26.09 7.43 -23.74
CA VAL A 218 -27.29 6.64 -23.42
C VAL A 218 -28.39 7.60 -22.96
N ALA A 219 -29.45 7.70 -23.75
CA ALA A 219 -30.55 8.61 -23.44
C ALA A 219 -31.26 8.19 -22.16
N GLY A 220 -31.72 9.19 -21.40
CA GLY A 220 -32.50 8.93 -20.21
C GLY A 220 -31.69 8.60 -18.98
N GLN A 221 -30.36 8.67 -19.04
CA GLN A 221 -29.55 8.40 -17.86
C GLN A 221 -29.66 9.55 -16.86
N PRO A 222 -29.42 9.28 -15.59
CA PRO A 222 -29.55 10.35 -14.58
C PRO A 222 -28.52 11.45 -14.77
N THR A 223 -28.85 12.62 -14.24
CA THR A 223 -27.99 13.78 -14.29
C THR A 223 -27.56 14.17 -12.89
N GLY A 224 -26.52 15.00 -12.81
CA GLY A 224 -25.96 15.38 -11.54
C GLY A 224 -25.05 14.35 -10.90
N VAL A 225 -24.88 13.19 -11.53
CA VAL A 225 -24.04 12.11 -11.04
C VAL A 225 -23.34 11.46 -12.22
N MET A 226 -22.37 10.61 -11.91
CA MET A 226 -21.63 9.86 -12.91
C MET A 226 -21.82 8.37 -12.69
N ALA A 227 -21.72 7.60 -13.77
CA ALA A 227 -21.74 6.15 -13.67
C ALA A 227 -20.46 5.67 -13.01
N MET A 228 -20.60 4.90 -11.93
CA MET A 228 -19.46 4.46 -11.13
C MET A 228 -19.00 3.05 -11.52
N LYS A 229 -19.92 2.08 -11.47
CA LYS A 229 -19.65 0.70 -11.84
C LYS A 229 -20.92 0.13 -12.46
N ALA A 230 -20.77 -0.98 -13.18
CA ALA A 230 -21.90 -1.58 -13.87
C ALA A 230 -21.85 -3.10 -13.78
N GLU A 231 -23.03 -3.71 -13.86
CA GLU A 231 -23.19 -5.15 -13.98
C GLU A 231 -24.26 -5.42 -15.03
N ILE A 232 -24.07 -6.49 -15.80
CA ILE A 232 -25.04 -6.88 -16.83
C ILE A 232 -25.57 -8.25 -16.49
N ALA A 233 -26.90 -8.39 -16.47
CA ALA A 233 -27.55 -9.68 -16.26
C ALA A 233 -28.95 -9.64 -16.85
N SER A 234 -29.31 -10.69 -17.58
CA SER A 234 -30.68 -10.87 -18.08
C SER A 234 -31.16 -9.67 -18.89
N GLY A 235 -30.28 -9.14 -19.74
CA GLY A 235 -30.65 -7.99 -20.55
C GLY A 235 -30.73 -6.67 -19.82
N TYR A 236 -30.31 -6.64 -18.57
CA TYR A 236 -30.33 -5.42 -17.76
C TYR A 236 -28.90 -4.94 -17.51
N LEU A 237 -28.72 -3.62 -17.54
CA LEU A 237 -27.47 -2.98 -17.15
C LEU A 237 -27.72 -2.27 -15.83
N TYR A 238 -27.18 -2.83 -14.74
CA TYR A 238 -27.30 -2.24 -13.41
C TYR A 238 -26.11 -1.33 -13.16
N VAL A 239 -26.37 -0.06 -12.86
CA VAL A 239 -25.31 0.94 -12.73
C VAL A 239 -25.47 1.67 -11.41
N THR A 240 -24.35 1.83 -10.69
CA THR A 240 -24.32 2.68 -9.51
C THR A 240 -23.86 4.08 -9.90
N PHE A 241 -24.36 5.08 -9.19
CA PHE A 241 -24.10 6.47 -9.51
C PHE A 241 -23.70 7.24 -8.26
N ALA A 242 -22.88 8.27 -8.45
CA ALA A 242 -22.50 9.18 -7.39
C ALA A 242 -22.03 10.49 -8.01
N ASN A 243 -22.08 11.56 -7.22
CA ASN A 243 -21.67 12.88 -7.69
C ASN A 243 -20.18 13.15 -7.48
N SER A 244 -19.41 12.12 -7.12
CA SER A 244 -17.97 12.22 -7.00
C SER A 244 -17.36 10.90 -7.45
N PRO A 245 -16.16 10.93 -8.05
CA PRO A 245 -15.50 9.66 -8.43
C PRO A 245 -15.04 8.86 -7.24
N GLY A 246 -14.98 9.46 -6.05
CA GLY A 246 -14.53 8.76 -4.87
C GLY A 246 -13.02 8.70 -4.78
N PRO A 247 -12.50 8.07 -3.71
CA PRO A 247 -13.29 7.38 -2.68
C PRO A 247 -13.99 8.32 -1.68
N ASN A 248 -13.69 9.61 -1.72
CA ASN A 248 -14.30 10.57 -0.81
C ASN A 248 -15.22 11.52 -1.56
N ASN A 249 -15.97 12.29 -0.79
CA ASN A 249 -16.74 13.48 -1.19
C ASN A 249 -18.01 13.19 -1.96
N ALA A 250 -18.53 11.96 -1.96
CA ALA A 250 -19.81 11.69 -2.59
C ALA A 250 -20.94 12.10 -1.65
N THR A 251 -21.80 13.00 -2.11
CA THR A 251 -22.93 13.47 -1.33
C THR A 251 -24.27 13.25 -2.03
N ALA A 252 -24.28 12.44 -3.09
CA ALA A 252 -25.49 12.12 -3.83
C ALA A 252 -25.20 10.89 -4.67
N GLY A 253 -26.23 10.10 -4.92
CA GLY A 253 -26.04 8.89 -5.70
C GLY A 253 -27.32 8.08 -5.77
N SER A 254 -27.28 7.05 -6.61
CA SER A 254 -28.46 6.25 -6.90
C SER A 254 -28.01 4.90 -7.46
N VAL A 255 -28.96 4.00 -7.62
CA VAL A 255 -28.77 2.74 -8.31
C VAL A 255 -29.89 2.62 -9.33
N TRP A 256 -29.52 2.45 -10.61
CA TRP A 256 -30.49 2.41 -11.69
C TRP A 256 -30.37 1.11 -12.48
N ARG A 257 -31.46 0.73 -13.12
CA ARG A 257 -31.51 -0.45 -13.98
C ARG A 257 -31.87 0.00 -15.39
N TYR A 258 -31.07 -0.42 -16.36
CA TYR A 258 -31.23 -0.02 -17.76
C TYR A 258 -31.52 -1.25 -18.59
N THR A 259 -32.67 -1.26 -19.27
CA THR A 259 -33.03 -2.36 -20.15
C THR A 259 -32.34 -2.16 -21.48
N ILE A 260 -31.41 -3.07 -21.81
CA ILE A 260 -30.56 -2.87 -22.98
C ILE A 260 -31.38 -2.89 -24.27
N SER A 261 -32.42 -3.73 -24.33
CA SER A 261 -33.12 -3.93 -25.59
C SER A 261 -34.04 -2.77 -25.95
N ASN A 262 -34.57 -2.03 -24.97
CA ASN A 262 -35.47 -0.93 -25.27
C ASN A 262 -35.11 0.39 -24.63
N GLY A 263 -34.01 0.47 -23.87
CA GLY A 263 -33.54 1.73 -23.33
C GLY A 263 -34.29 2.25 -22.13
N GLU A 264 -35.17 1.46 -21.52
CA GLU A 264 -35.94 1.94 -20.39
C GLU A 264 -35.10 1.99 -19.12
N TRP A 265 -35.37 2.98 -18.29
CA TRP A 265 -34.66 3.19 -17.03
C TRP A 265 -35.62 2.99 -15.86
N LYS A 266 -35.15 2.30 -14.82
CA LYS A 266 -35.90 2.16 -13.58
C LYS A 266 -34.98 2.40 -12.39
N ASP A 267 -35.38 3.33 -11.53
CA ASP A 267 -34.63 3.64 -10.31
C ASP A 267 -34.90 2.56 -9.27
N ILE A 268 -33.84 1.87 -8.83
CA ILE A 268 -33.99 0.81 -7.83
C ILE A 268 -33.13 1.12 -6.62
N SER A 269 -32.89 2.41 -6.36
CA SER A 269 -32.03 2.79 -5.24
C SER A 269 -32.64 2.32 -3.92
N PRO A 270 -31.89 1.59 -3.10
CA PRO A 270 -32.42 1.20 -1.78
C PRO A 270 -32.75 2.39 -0.91
N ALA A 271 -31.88 3.40 -0.90
CA ALA A 271 -32.11 4.60 -0.09
C ALA A 271 -31.32 5.74 -0.72
N LYS A 272 -31.74 6.96 -0.41
CA LYS A 272 -31.05 8.14 -0.92
C LYS A 272 -30.78 9.12 0.21
N GLY A 273 -29.59 9.70 0.18
CA GLY A 273 -29.22 10.69 1.16
C GLY A 273 -28.00 11.44 0.71
N SER A 274 -27.27 11.99 1.68
CA SER A 274 -26.03 12.71 1.40
C SER A 274 -24.87 11.71 1.29
N TYR A 275 -24.95 10.86 0.27
CA TYR A 275 -23.95 9.83 -0.01
C TYR A 275 -24.25 9.26 -1.39
N GLY A 276 -23.28 8.51 -1.92
CA GLY A 276 -23.45 7.90 -3.22
C GLY A 276 -23.40 6.39 -3.15
N TYR A 277 -23.45 5.74 -4.32
CA TYR A 277 -23.26 4.31 -4.43
C TYR A 277 -22.08 4.02 -5.36
N CYS A 278 -21.48 2.85 -5.19
CA CYS A 278 -20.39 2.47 -6.08
C CYS A 278 -20.32 0.95 -6.22
N GLY A 279 -19.99 0.25 -5.14
CA GLY A 279 -19.91 -1.20 -5.18
C GLY A 279 -21.22 -1.86 -5.55
N ILE A 280 -21.16 -2.83 -6.47
CA ILE A 280 -22.35 -3.54 -6.90
C ILE A 280 -21.92 -4.91 -7.43
N SER A 281 -22.72 -5.92 -7.13
CA SER A 281 -22.49 -7.25 -7.68
C SER A 281 -23.84 -7.90 -7.92
N VAL A 282 -24.06 -8.37 -9.14
CA VAL A 282 -25.20 -9.24 -9.45
C VAL A 282 -24.70 -10.68 -9.38
N ASP A 283 -25.44 -11.52 -8.68
CA ASP A 283 -25.14 -12.93 -8.55
C ASP A 283 -24.97 -13.56 -9.94
N PRO A 284 -23.80 -14.09 -10.27
CA PRO A 284 -23.59 -14.67 -11.60
C PRO A 284 -24.52 -15.82 -11.93
N ARG A 285 -25.16 -16.43 -10.93
CA ARG A 285 -26.10 -17.53 -11.16
C ARG A 285 -27.52 -17.17 -10.74
N ASN A 286 -27.79 -15.92 -10.39
CA ASN A 286 -29.13 -15.47 -10.05
C ASN A 286 -29.27 -13.98 -10.29
N PRO A 287 -29.81 -13.56 -11.43
CA PRO A 287 -29.88 -12.12 -11.73
C PRO A 287 -30.73 -11.31 -10.77
N ASN A 288 -31.54 -11.95 -9.93
CA ASN A 288 -32.34 -11.24 -8.95
C ASN A 288 -31.63 -11.03 -7.62
N HIS A 289 -30.46 -11.64 -7.43
CA HIS A 289 -29.69 -11.51 -6.20
C HIS A 289 -28.60 -10.47 -6.44
N ILE A 290 -28.72 -9.31 -5.79
CA ILE A 290 -27.82 -8.19 -6.01
C ILE A 290 -27.38 -7.62 -4.67
N LEU A 291 -26.11 -7.21 -4.60
CA LEU A 291 -25.57 -6.46 -3.48
C LEU A 291 -25.10 -5.09 -3.98
N VAL A 292 -25.39 -4.05 -3.21
CA VAL A 292 -24.86 -2.71 -3.47
C VAL A 292 -24.34 -2.14 -2.16
N ALA A 293 -23.39 -1.22 -2.28
CA ALA A 293 -22.77 -0.59 -1.11
C ALA A 293 -22.82 0.92 -1.26
N THR A 294 -23.10 1.59 -0.15
CA THR A 294 -23.04 3.05 -0.15
C THR A 294 -21.59 3.51 -0.24
N LEU A 295 -21.41 4.79 -0.55
CA LEU A 295 -20.10 5.41 -0.55
C LEU A 295 -20.18 6.75 0.17
N ASP A 296 -19.33 6.92 1.18
CA ASP A 296 -19.21 8.16 1.96
C ASP A 296 -20.44 8.42 2.82
N LEU A 297 -21.14 7.35 3.21
CA LEU A 297 -22.16 7.44 4.26
C LEU A 297 -21.42 7.29 5.59
N TRP A 298 -20.79 8.39 6.03
CA TRP A 298 -19.85 8.28 7.14
C TRP A 298 -20.55 8.13 8.49
N TRP A 299 -21.70 8.78 8.68
CA TRP A 299 -22.44 8.59 9.91
C TRP A 299 -23.84 8.04 9.63
N PRO A 300 -24.26 6.96 10.29
CA PRO A 300 -23.47 6.26 11.33
C PRO A 300 -22.31 5.44 10.77
N ARG A 301 -22.48 4.90 9.57
CA ARG A 301 -21.46 4.11 8.88
C ARG A 301 -22.06 3.72 7.53
N ASP A 302 -21.18 3.23 6.64
CA ASP A 302 -21.63 2.81 5.33
C ASP A 302 -22.50 1.57 5.41
N GLN A 303 -23.35 1.40 4.40
CA GLN A 303 -24.36 0.36 4.39
C GLN A 303 -24.19 -0.54 3.17
N ILE A 304 -24.47 -1.83 3.35
CA ILE A 304 -24.57 -2.78 2.26
C ILE A 304 -26.02 -3.26 2.20
N TRP A 305 -26.62 -3.18 1.01
CA TRP A 305 -28.00 -3.60 0.80
C TRP A 305 -28.03 -4.85 -0.05
N ARG A 306 -28.93 -5.77 0.29
CA ARG A 306 -29.09 -7.03 -0.42
C ARG A 306 -30.53 -7.18 -0.91
N THR A 307 -30.68 -7.59 -2.15
CA THR A 307 -31.99 -7.92 -2.70
C THR A 307 -31.96 -9.33 -3.27
N THR A 308 -33.09 -10.02 -3.15
CA THR A 308 -33.29 -11.30 -3.80
C THR A 308 -34.40 -11.26 -4.83
N ASP A 309 -35.01 -10.10 -5.06
CA ASP A 309 -36.09 -9.95 -6.03
C ASP A 309 -35.74 -8.89 -7.07
N GLY A 310 -34.46 -8.72 -7.37
CA GLY A 310 -34.06 -7.81 -8.43
C GLY A 310 -34.22 -6.34 -8.10
N GLY A 311 -34.17 -5.98 -6.83
CA GLY A 311 -34.24 -4.59 -6.44
C GLY A 311 -35.62 -4.08 -6.09
N SER A 312 -36.63 -4.94 -6.07
CA SER A 312 -37.96 -4.52 -5.63
C SER A 312 -37.98 -4.21 -4.13
N THR A 313 -37.29 -5.04 -3.34
CA THR A 313 -37.08 -4.78 -1.93
C THR A 313 -35.60 -4.99 -1.61
N TRP A 314 -35.10 -4.24 -0.63
CA TRP A 314 -33.71 -4.35 -0.21
C TRP A 314 -33.65 -4.52 1.31
N THR A 315 -32.76 -5.40 1.75
CA THR A 315 -32.53 -5.62 3.17
C THR A 315 -31.17 -5.05 3.55
N PRO A 316 -31.09 -4.21 4.59
CA PRO A 316 -29.78 -3.71 5.03
C PRO A 316 -29.02 -4.81 5.76
N LEU A 317 -27.76 -5.00 5.39
CA LEU A 317 -26.96 -6.08 5.94
C LEU A 317 -26.08 -5.65 7.11
N LEU A 318 -25.59 -4.41 7.11
CA LEU A 318 -24.60 -3.99 8.10
C LEU A 318 -25.24 -3.41 9.35
N TRP A 319 -26.21 -2.50 9.19
CA TRP A 319 -26.88 -1.90 10.33
C TRP A 319 -28.34 -1.64 10.00
N ASN A 320 -29.17 -1.55 11.03
CA ASN A 320 -30.60 -1.36 10.87
C ASN A 320 -30.92 0.14 10.84
N PRO A 321 -31.51 0.66 9.77
CA PRO A 321 -31.79 2.10 9.72
C PRO A 321 -32.77 2.57 10.78
N SER A 322 -33.63 1.70 11.31
CA SER A 322 -34.66 2.14 12.25
C SER A 322 -34.06 2.72 13.52
N ASN A 323 -32.91 2.20 13.96
CA ASN A 323 -32.27 2.72 15.17
C ASN A 323 -30.76 2.78 15.06
N ASN A 324 -30.20 2.67 13.86
CA ASN A 324 -28.77 2.75 13.58
C ASN A 324 -27.95 1.65 14.25
N ALA A 325 -28.60 0.60 14.74
CA ALA A 325 -27.91 -0.47 15.44
C ALA A 325 -27.21 -1.40 14.45
N VAL A 326 -25.94 -1.70 14.72
CA VAL A 326 -25.19 -2.68 13.92
C VAL A 326 -25.81 -4.05 14.11
N ILE A 327 -25.93 -4.81 13.02
CA ILE A 327 -26.52 -6.14 13.08
C ILE A 327 -25.53 -7.19 12.57
N ALA A 328 -24.71 -6.83 11.59
CA ALA A 328 -23.72 -7.76 11.08
C ALA A 328 -22.64 -8.02 12.13
N LYS A 329 -22.14 -9.26 12.14
CA LYS A 329 -21.05 -9.65 13.03
C LYS A 329 -19.73 -9.59 12.29
N PHE A 330 -18.73 -8.98 12.90
CA PHE A 330 -17.42 -8.78 12.29
C PHE A 330 -16.38 -9.52 13.12
N ASP A 331 -15.69 -10.47 12.48
CA ASP A 331 -14.67 -11.29 13.14
C ASP A 331 -13.31 -10.72 12.80
N THR A 332 -12.66 -10.08 13.76
CA THR A 332 -11.30 -9.57 13.59
C THR A 332 -10.29 -10.38 14.40
N SER A 333 -10.59 -11.65 14.68
CA SER A 333 -9.67 -12.49 15.43
C SER A 333 -8.33 -12.61 14.71
N SER A 334 -8.35 -12.59 13.38
CA SER A 334 -7.13 -12.67 12.57
C SER A 334 -6.29 -11.41 12.64
N ALA A 335 -6.84 -10.30 13.12
CA ALA A 335 -6.15 -9.02 13.11
C ALA A 335 -6.87 -8.08 14.05
N PRO A 336 -6.68 -8.23 15.36
CA PRO A 336 -7.47 -7.43 16.32
C PRO A 336 -7.36 -5.94 16.11
N TRP A 337 -6.25 -5.44 15.55
CA TRP A 337 -6.11 -4.02 15.30
C TRP A 337 -7.24 -3.50 14.43
N ALA A 338 -7.70 -4.31 13.48
CA ALA A 338 -8.64 -3.83 12.47
C ALA A 338 -9.97 -3.38 13.06
N ALA A 339 -10.27 -3.77 14.30
CA ALA A 339 -11.51 -3.38 14.96
C ALA A 339 -11.55 -1.90 15.33
N ILE A 340 -10.43 -1.18 15.23
CA ILE A 340 -10.47 0.27 15.43
C ILE A 340 -11.05 1.00 14.22
N ARG A 341 -11.32 0.28 13.14
CA ARG A 341 -11.90 0.85 11.93
C ARG A 341 -13.27 0.27 11.70
N ASN A 342 -14.08 1.01 10.97
CA ASN A 342 -15.37 0.55 10.48
C ASN A 342 -15.34 0.44 8.96
N PRO A 343 -16.02 -0.55 8.39
CA PRO A 343 -16.03 -0.69 6.92
C PRO A 343 -16.39 0.60 6.21
N HIS A 344 -15.50 1.03 5.33
CA HIS A 344 -15.67 2.27 4.57
C HIS A 344 -14.92 2.11 3.26
N TRP A 345 -15.17 3.04 2.34
CA TRP A 345 -14.61 2.93 0.98
C TRP A 345 -14.93 1.56 0.38
N ILE A 346 -16.17 1.10 0.59
CA ILE A 346 -16.62 -0.18 0.08
C ILE A 346 -16.94 -0.04 -1.40
N THR A 347 -15.92 0.19 -2.21
CA THR A 347 -16.11 0.53 -3.62
C THR A 347 -16.20 -0.70 -4.52
N ASP A 348 -16.00 -1.90 -3.98
CA ASP A 348 -16.10 -3.13 -4.73
C ASP A 348 -16.69 -4.20 -3.83
N ILE A 349 -17.64 -4.96 -4.38
CA ILE A 349 -18.22 -6.10 -3.69
C ILE A 349 -18.58 -7.13 -4.75
N LYS A 350 -18.32 -8.41 -4.47
CA LYS A 350 -18.43 -9.46 -5.46
C LYS A 350 -19.02 -10.71 -4.84
N ILE A 351 -20.00 -11.31 -5.52
CA ILE A 351 -20.59 -12.59 -5.13
C ILE A 351 -19.82 -13.71 -5.82
N ASP A 352 -19.51 -14.75 -5.07
CA ASP A 352 -18.82 -15.94 -5.60
C ASP A 352 -19.65 -16.57 -6.70
N PRO A 353 -19.14 -16.69 -7.92
CA PRO A 353 -19.93 -17.32 -9.00
C PRO A 353 -20.17 -18.80 -8.80
N PHE A 354 -19.53 -19.42 -7.82
CA PHE A 354 -19.70 -20.84 -7.55
C PHE A 354 -20.34 -21.12 -6.20
N ASN A 355 -20.75 -20.08 -5.47
CA ASN A 355 -21.51 -20.26 -4.24
C ASN A 355 -22.21 -18.92 -3.97
N SER A 356 -23.51 -18.86 -4.27
CA SER A 356 -24.27 -17.63 -4.11
C SER A 356 -24.34 -17.13 -2.69
N ASN A 357 -23.97 -17.95 -1.71
CA ASN A 357 -23.97 -17.51 -0.31
C ASN A 357 -22.62 -16.94 0.13
N LYS A 358 -21.63 -16.89 -0.76
CA LYS A 358 -20.32 -16.36 -0.45
C LYS A 358 -20.07 -15.06 -1.20
N ALA A 359 -19.49 -14.09 -0.50
CA ALA A 359 -19.16 -12.82 -1.12
C ALA A 359 -17.97 -12.19 -0.39
N MET A 360 -17.38 -11.18 -1.02
CA MET A 360 -16.31 -10.40 -0.42
C MET A 360 -16.46 -8.95 -0.84
N PHE A 361 -16.01 -8.04 0.02
CA PHE A 361 -15.95 -6.64 -0.35
C PHE A 361 -14.67 -6.02 0.19
N VAL A 362 -14.29 -4.90 -0.42
CA VAL A 362 -13.07 -4.20 -0.08
C VAL A 362 -13.40 -3.02 0.84
N THR A 363 -12.37 -2.57 1.57
CA THR A 363 -12.45 -1.35 2.37
C THR A 363 -11.12 -0.61 2.24
N GLY A 364 -11.05 0.54 2.89
CA GLY A 364 -9.79 1.27 3.00
C GLY A 364 -8.75 0.62 3.90
N TYR A 365 -9.03 -0.55 4.45
CA TYR A 365 -8.06 -1.23 5.31
C TYR A 365 -8.07 -2.75 5.15
N GLY A 366 -8.70 -3.30 4.12
CA GLY A 366 -8.60 -4.72 3.85
C GLY A 366 -9.88 -5.29 3.30
N ILE A 367 -9.89 -6.62 3.18
CA ILE A 367 -10.97 -7.38 2.57
C ILE A 367 -11.81 -8.04 3.64
N TRP A 368 -13.12 -8.03 3.45
CA TRP A 368 -14.08 -8.72 4.31
C TRP A 368 -14.79 -9.80 3.50
N ALA A 369 -15.03 -10.95 4.12
CA ALA A 369 -15.65 -12.06 3.43
C ALA A 369 -16.83 -12.60 4.24
N CYS A 370 -17.92 -12.91 3.54
CA CYS A 370 -19.06 -13.58 4.14
C CYS A 370 -19.22 -14.94 3.47
N ASP A 371 -19.39 -15.98 4.29
CA ASP A 371 -19.55 -17.33 3.78
C ASP A 371 -20.98 -17.83 3.85
N ASN A 372 -21.92 -17.00 4.32
CA ASN A 372 -23.34 -17.37 4.28
C ASN A 372 -24.16 -16.08 4.26
N LEU A 373 -24.38 -15.54 3.05
CA LEU A 373 -25.23 -14.37 2.89
C LEU A 373 -26.68 -14.64 3.29
N SER A 374 -27.08 -15.91 3.40
CA SER A 374 -28.44 -16.25 3.81
C SER A 374 -28.65 -16.18 5.31
N ALA A 375 -27.58 -16.08 6.10
CA ALA A 375 -27.72 -16.03 7.54
C ALA A 375 -28.30 -14.69 7.98
N SER A 376 -29.11 -14.73 9.04
CA SER A 376 -29.75 -13.54 9.59
C SER A 376 -29.39 -13.42 11.06
N PRO A 377 -28.46 -12.54 11.44
CA PRO A 377 -27.71 -11.66 10.53
C PRO A 377 -26.51 -12.37 9.90
N THR A 378 -25.80 -11.66 9.02
CA THR A 378 -24.64 -12.22 8.35
C THR A 378 -23.39 -12.01 9.20
N THR A 379 -22.41 -12.89 9.00
CA THR A 379 -21.13 -12.82 9.69
C THR A 379 -20.03 -12.59 8.65
N TRP A 380 -19.18 -11.61 8.92
CA TRP A 380 -18.12 -11.22 8.01
C TRP A 380 -16.77 -11.41 8.68
N TYR A 381 -15.83 -12.00 7.95
CA TYR A 381 -14.49 -12.28 8.46
C TYR A 381 -13.48 -11.37 7.79
N PHE A 382 -12.57 -10.82 8.61
CA PHE A 382 -11.43 -10.07 8.09
C PHE A 382 -10.47 -11.04 7.41
N ARG A 383 -10.60 -11.22 6.10
CA ARG A 383 -9.90 -12.28 5.38
C ARG A 383 -8.70 -11.67 4.66
N ASN A 384 -7.62 -11.44 5.41
CA ASN A 384 -6.45 -10.77 4.86
C ASN A 384 -5.16 -11.48 5.26
N LYS A 385 -5.22 -12.79 5.51
CA LYS A 385 -3.99 -13.54 5.72
C LYS A 385 -3.12 -13.44 4.46
N GLY A 386 -1.86 -13.07 4.65
CA GLY A 386 -0.95 -12.86 3.55
C GLY A 386 -1.12 -11.54 2.83
N LEU A 387 -2.17 -10.78 3.13
CA LEU A 387 -2.42 -9.49 2.48
C LEU A 387 -1.97 -8.39 3.44
N GLU A 388 -0.83 -7.77 3.14
CA GLU A 388 -0.26 -6.72 3.97
C GLU A 388 -0.02 -5.50 3.09
N GLU A 389 -0.67 -4.39 3.43
CA GLU A 389 -0.64 -3.20 2.60
C GLU A 389 -0.19 -1.95 3.36
N MET A 390 0.33 -2.10 4.57
CA MET A 390 0.69 -0.94 5.37
C MET A 390 1.99 -0.31 4.89
N VAL A 391 2.17 0.96 5.25
CA VAL A 391 3.40 1.69 4.96
C VAL A 391 4.19 1.84 6.24
N PRO A 392 5.23 1.04 6.46
CA PRO A 392 6.05 1.22 7.68
C PRO A 392 7.04 2.35 7.51
N ILE A 393 6.65 3.55 7.97
CA ILE A 393 7.52 4.71 7.82
C ILE A 393 8.80 4.56 8.61
N GLU A 394 8.75 3.90 9.77
CA GLU A 394 9.97 3.53 10.47
C GLU A 394 9.71 2.26 11.25
N ILE A 395 10.74 1.42 11.35
CA ILE A 395 10.71 0.21 12.16
C ILE A 395 11.97 0.15 13.01
N VAL A 396 11.85 -0.45 14.19
CA VAL A 396 12.99 -0.71 15.06
C VAL A 396 12.89 -2.13 15.59
N SER A 397 14.04 -2.74 15.87
CA SER A 397 14.12 -4.08 16.44
C SER A 397 14.99 -4.02 17.68
N PRO A 398 14.38 -3.86 18.86
CA PRO A 398 15.16 -3.80 20.10
C PRO A 398 15.76 -5.16 20.42
N PRO A 399 16.84 -5.19 21.20
CA PRO A 399 17.46 -6.48 21.58
C PRO A 399 16.72 -7.22 22.68
N SER A 400 15.73 -6.60 23.30
CA SER A 400 14.88 -7.27 24.26
C SER A 400 13.51 -6.63 24.22
N GLY A 401 12.53 -7.32 24.79
CA GLY A 401 11.15 -6.91 24.64
C GLY A 401 10.57 -7.44 23.34
N ALA A 402 9.75 -6.62 22.67
CA ALA A 402 9.17 -7.04 21.41
C ALA A 402 10.24 -7.27 20.36
N LEU A 403 9.95 -8.16 19.40
CA LEU A 403 10.88 -8.40 18.30
C LEU A 403 10.98 -7.18 17.39
N LEU A 404 9.87 -6.47 17.21
CA LEU A 404 9.80 -5.36 16.27
C LEU A 404 8.74 -4.37 16.73
N LEU A 405 8.98 -3.10 16.44
CA LEU A 405 7.96 -2.07 16.59
C LEU A 405 7.87 -1.30 15.29
N SER A 406 6.65 -0.98 14.88
CA SER A 406 6.39 -0.36 13.59
C SER A 406 5.61 0.94 13.78
N ALA A 407 6.03 1.97 13.05
CA ALA A 407 5.31 3.24 12.95
C ALA A 407 4.68 3.28 11.58
N MET A 408 3.37 3.06 11.51
CA MET A 408 2.68 2.87 10.25
C MET A 408 1.94 4.13 9.81
N GLY A 409 1.90 4.34 8.50
CA GLY A 409 0.97 5.31 7.96
C GLY A 409 -0.47 4.91 8.29
N ASP A 410 -1.30 5.92 8.55
CA ASP A 410 -2.73 5.74 8.79
C ASP A 410 -3.08 5.09 10.12
N GLN A 411 -2.38 4.00 10.50
CA GLN A 411 -2.93 3.10 11.51
C GLN A 411 -2.25 3.18 12.88
N GLY A 412 -1.09 3.80 13.00
CA GLY A 412 -0.48 4.02 14.29
C GLY A 412 0.77 3.19 14.52
N VAL A 413 1.10 3.01 15.79
CA VAL A 413 2.28 2.27 16.21
C VAL A 413 1.88 0.85 16.61
N PHE A 414 2.66 -0.13 16.17
CA PHE A 414 2.41 -1.53 16.50
C PHE A 414 3.59 -2.10 17.26
N ARG A 415 3.29 -3.01 18.19
CA ARG A 415 4.26 -3.76 18.95
C ARG A 415 4.13 -5.23 18.58
N HIS A 416 5.20 -5.81 18.04
CA HIS A 416 5.16 -7.17 17.49
C HIS A 416 5.91 -8.11 18.43
N ASP A 417 5.16 -8.86 19.24
CA ASP A 417 5.76 -9.91 20.05
C ASP A 417 5.96 -11.21 19.27
N SER A 418 5.31 -11.34 18.12
CA SER A 418 5.52 -12.48 17.24
C SER A 418 5.40 -12.00 15.80
N LEU A 419 6.23 -12.57 14.92
CA LEU A 419 6.19 -12.19 13.52
C LEU A 419 5.12 -12.92 12.74
N ASP A 420 4.60 -14.03 13.27
CA ASP A 420 3.64 -14.87 12.56
C ASP A 420 2.21 -14.74 13.09
N ALA A 421 1.94 -13.71 13.89
CA ALA A 421 0.59 -13.48 14.37
C ALA A 421 0.39 -11.98 14.54
N SER A 422 -0.81 -11.50 14.21
CA SER A 422 -1.10 -10.09 14.37
C SER A 422 -1.07 -9.73 15.86
N PRO A 423 -0.62 -8.53 16.22
CA PRO A 423 -0.51 -8.18 17.65
C PRO A 423 -1.83 -8.34 18.37
N SER A 424 -1.79 -9.06 19.50
CA SER A 424 -3.01 -9.38 20.22
C SER A 424 -3.68 -8.15 20.82
N MET A 425 -2.90 -7.11 21.12
CA MET A 425 -3.47 -5.88 21.64
CA MET A 425 -3.44 -5.85 21.65
C MET A 425 -3.95 -4.93 20.55
N GLY A 426 -3.74 -5.28 19.29
CA GLY A 426 -4.10 -4.38 18.20
C GLY A 426 -3.04 -3.33 18.02
N VAL A 427 -3.46 -2.08 17.92
CA VAL A 427 -2.52 -0.97 17.80
C VAL A 427 -1.95 -0.67 19.18
N ALA A 428 -0.65 -0.38 19.24
CA ALA A 428 -0.02 -0.04 20.51
C ALA A 428 -0.22 1.43 20.87
N LEU A 429 -0.29 2.30 19.87
CA LEU A 429 -0.54 3.73 20.07
C LEU A 429 -1.48 4.19 18.96
N ASP A 430 -2.70 4.56 19.33
CA ASP A 430 -3.77 4.86 18.38
C ASP A 430 -3.75 6.35 18.06
N VAL A 431 -2.86 6.73 17.14
CA VAL A 431 -2.65 8.14 16.83
C VAL A 431 -2.70 8.40 15.32
N GLY A 432 -3.10 7.39 14.56
CA GLY A 432 -3.06 7.57 13.12
C GLY A 432 -1.63 7.48 12.59
N THR A 433 -1.38 8.18 11.50
CA THR A 433 -0.08 8.13 10.84
C THR A 433 1.04 8.45 11.83
N ALA A 434 1.99 7.53 11.96
CA ALA A 434 3.15 7.68 12.81
C ALA A 434 4.41 7.59 11.95
N GLY A 435 5.26 8.59 12.03
CA GLY A 435 6.39 8.68 11.11
C GLY A 435 7.75 8.34 11.67
N SER A 436 7.86 8.16 12.98
CA SER A 436 9.16 7.90 13.60
C SER A 436 8.99 7.05 14.85
N ILE A 437 10.01 6.26 15.16
CA ILE A 437 10.06 5.49 16.39
C ILE A 437 11.50 5.11 16.64
N ASP A 438 11.92 5.19 17.91
CA ASP A 438 13.27 4.85 18.31
C ASP A 438 13.23 4.30 19.73
N TYR A 439 14.22 3.48 20.06
CA TYR A 439 14.36 2.95 21.40
C TYR A 439 15.77 3.23 21.92
N ALA A 440 15.89 3.37 23.23
CA ALA A 440 17.17 3.60 23.88
C ALA A 440 17.96 2.29 23.93
N GLU A 441 19.17 2.30 23.38
CA GLU A 441 19.93 1.06 23.22
C GLU A 441 20.17 0.38 24.55
N SER A 442 20.62 1.14 25.56
CA SER A 442 20.96 0.57 26.85
C SER A 442 19.74 0.33 27.73
N ILE A 443 18.59 0.90 27.38
CA ILE A 443 17.36 0.67 28.12
C ILE A 443 16.24 0.54 27.09
N PRO A 444 16.15 -0.59 26.39
CA PRO A 444 15.21 -0.68 25.25
C PRO A 444 13.74 -0.69 25.67
N SER A 445 13.44 -0.72 26.96
CA SER A 445 12.07 -0.50 27.40
C SER A 445 11.62 0.95 27.17
N LYS A 446 12.57 1.87 26.99
CA LYS A 446 12.26 3.28 26.76
C LYS A 446 12.19 3.56 25.27
N ILE A 447 11.00 3.93 24.80
CA ILE A 447 10.71 4.09 23.37
C ILE A 447 10.00 5.41 23.15
N VAL A 448 10.34 6.09 22.04
CA VAL A 448 9.69 7.33 21.65
C VAL A 448 9.09 7.16 20.25
N ALA A 449 8.03 7.91 19.97
CA ALA A 449 7.36 7.84 18.67
C ALA A 449 6.73 9.18 18.35
N THR A 450 6.57 9.46 17.06
CA THR A 450 6.00 10.72 16.60
C THR A 450 4.84 10.45 15.65
N TYR A 451 3.92 11.42 15.57
CA TYR A 451 2.73 11.31 14.74
C TYR A 451 2.36 12.73 14.29
N TYR A 452 1.14 12.91 13.78
CA TYR A 452 0.84 14.11 13.01
C TYR A 452 -0.35 14.90 13.55
N SER A 453 -0.65 14.77 14.84
CA SER A 453 -1.51 15.71 15.53
C SER A 453 -0.91 16.01 16.88
N ALA A 454 -1.15 17.22 17.38
CA ALA A 454 -0.50 17.67 18.61
C ALA A 454 -0.81 16.70 19.75
N PRO A 455 0.14 16.45 20.65
CA PRO A 455 1.46 17.10 20.75
C PRO A 455 2.54 16.45 19.89
N TYR A 456 2.14 15.63 18.93
CA TYR A 456 2.98 15.07 17.86
C TYR A 456 3.97 14.02 18.34
N GLY A 457 4.02 13.70 19.63
CA GLY A 457 4.98 12.71 20.10
C GLY A 457 4.55 12.10 21.41
N ALA A 458 5.16 10.96 21.73
CA ALA A 458 4.83 10.22 22.94
C ALA A 458 5.98 9.29 23.27
N TYR A 459 5.98 8.78 24.50
CA TYR A 459 7.04 7.88 24.94
C TYR A 459 6.47 6.78 25.84
N SER A 460 7.22 5.68 25.90
CA SER A 460 6.86 4.51 26.68
C SER A 460 8.05 4.09 27.52
N THR A 461 7.77 3.54 28.71
CA THR A 461 8.81 3.04 29.59
C THR A 461 8.72 1.54 29.81
N ASP A 462 7.84 0.85 29.10
CA ASP A 462 7.67 -0.59 29.25
C ASP A 462 7.69 -1.28 27.90
N GLY A 463 8.52 -0.81 26.99
CA GLY A 463 8.65 -1.46 25.69
C GLY A 463 7.50 -1.24 24.75
N GLY A 464 6.72 -0.18 24.92
CA GLY A 464 5.64 0.13 24.02
C GLY A 464 4.29 -0.44 24.40
N LYS A 465 4.17 -1.08 25.56
CA LYS A 465 2.87 -1.58 25.99
C LYS A 465 1.97 -0.46 26.48
N THR A 466 2.53 0.51 27.20
CA THR A 466 1.80 1.67 27.66
C THR A 466 2.52 2.93 27.19
N TRP A 467 1.75 3.97 26.88
CA TRP A 467 2.30 5.20 26.33
C TRP A 467 1.74 6.41 27.07
N THR A 468 2.46 7.52 26.96
CA THR A 468 1.93 8.80 27.41
C THR A 468 2.47 9.88 26.46
N LYS A 469 1.63 10.86 26.15
CA LYS A 469 1.98 11.84 25.15
C LYS A 469 2.94 12.88 25.73
N PHE A 470 3.78 13.45 24.86
CA PHE A 470 4.67 14.53 25.27
C PHE A 470 3.87 15.66 25.89
N ALA A 471 4.34 16.15 27.04
CA ALA A 471 3.67 17.28 27.68
C ALA A 471 3.82 18.56 26.88
N SER A 472 4.85 18.65 26.03
CA SER A 472 5.07 19.82 25.19
C SER A 472 5.76 19.38 23.91
N TYR A 473 5.82 20.29 22.95
CA TYR A 473 6.50 20.06 21.69
C TYR A 473 7.17 21.36 21.25
N PRO A 474 8.21 21.26 20.42
CA PRO A 474 8.91 22.49 19.99
C PRO A 474 7.97 23.48 19.31
N ALA A 475 8.15 24.75 19.64
CA ALA A 475 7.30 25.80 19.10
C ALA A 475 7.34 25.81 17.58
N GLY A 476 6.15 25.91 16.97
CA GLY A 476 6.03 25.90 15.53
C GLY A 476 5.82 24.54 14.91
N THR A 477 5.86 23.46 15.71
CA THR A 477 5.73 22.12 15.16
C THR A 477 4.38 21.93 14.50
N THR A 478 4.41 21.43 13.26
CA THR A 478 3.20 21.08 12.55
C THR A 478 3.08 19.60 12.26
N GLY A 479 4.10 18.80 12.57
CA GLY A 479 4.06 17.37 12.34
C GLY A 479 5.25 16.71 12.98
N GLY A 480 5.09 15.41 13.25
CA GLY A 480 6.12 14.66 13.96
C GLY A 480 7.37 14.40 13.15
N GLY A 481 7.28 14.43 11.83
CA GLY A 481 8.41 14.17 10.97
C GLY A 481 8.54 12.71 10.60
N THR A 482 9.47 12.45 9.67
CA THR A 482 9.73 11.12 9.15
C THR A 482 11.10 10.67 9.63
N ARG A 483 11.13 9.58 10.40
CA ARG A 483 12.37 9.07 11.01
C ARG A 483 13.14 10.20 11.68
N ALA A 484 12.41 11.04 12.42
CA ALA A 484 12.90 12.34 12.86
C ALA A 484 13.14 12.42 14.37
N ILE A 485 13.26 11.30 15.05
CA ILE A 485 13.48 11.31 16.49
C ILE A 485 14.53 10.28 16.87
N ALA A 486 15.32 10.62 17.88
CA ALA A 486 16.36 9.75 18.41
C ALA A 486 16.43 9.91 19.91
N ILE A 487 16.54 8.80 20.62
CA ILE A 487 16.66 8.81 22.07
C ILE A 487 18.03 8.27 22.45
N SER A 488 18.67 8.92 23.41
CA SER A 488 20.02 8.56 23.84
C SER A 488 20.04 7.10 24.32
N ALA A 489 21.26 6.53 24.35
CA ALA A 489 21.41 5.14 24.77
C ALA A 489 20.86 4.91 26.17
N ASP A 490 21.08 5.87 27.07
CA ASP A 490 20.59 5.73 28.45
C ASP A 490 19.15 6.19 28.61
N GLY A 491 18.49 6.60 27.54
CA GLY A 491 17.08 6.97 27.57
C GLY A 491 16.76 8.32 28.17
N ASN A 492 17.77 9.11 28.56
CA ASN A 492 17.51 10.35 29.27
C ASN A 492 17.41 11.57 28.37
N ARG A 493 17.83 11.48 27.11
CA ARG A 493 17.87 12.62 26.21
C ARG A 493 17.22 12.26 24.88
N ILE A 494 16.39 13.18 24.38
CA ILE A 494 15.68 13.01 23.12
C ILE A 494 16.06 14.15 22.19
N VAL A 495 16.42 13.83 20.95
CA VAL A 495 16.61 14.82 19.90
C VAL A 495 15.54 14.61 18.85
N TRP A 496 14.85 15.69 18.49
CA TRP A 496 13.64 15.63 17.68
C TRP A 496 13.71 16.71 16.60
N ALA A 497 13.50 16.32 15.35
CA ALA A 497 13.50 17.24 14.20
C ALA A 497 12.13 17.19 13.54
N PRO A 498 11.14 17.84 14.13
CA PRO A 498 9.77 17.76 13.59
C PRO A 498 9.58 18.70 12.41
N ASN A 499 8.45 18.52 11.74
CA ASN A 499 8.07 19.41 10.66
C ASN A 499 7.71 20.79 11.21
N GLY A 500 8.18 21.83 10.53
CA GLY A 500 7.81 23.19 10.86
C GLY A 500 8.53 23.78 12.06
N ALA A 501 9.49 23.08 12.65
CA ALA A 501 10.20 23.56 13.82
C ALA A 501 11.67 23.23 13.68
N PRO A 502 12.56 24.00 14.30
CA PRO A 502 13.97 23.64 14.30
C PRO A 502 14.22 22.42 15.17
N MET A 503 15.27 21.67 14.84
CA MET A 503 15.61 20.50 15.62
C MET A 503 15.85 20.91 17.07
N SER A 504 15.28 20.13 17.99
CA SER A 504 15.32 20.48 19.40
C SER A 504 15.68 19.23 20.22
N TYR A 505 15.99 19.46 21.50
CA TYR A 505 16.35 18.38 22.40
C TYR A 505 15.61 18.54 23.72
N SER A 506 15.36 17.40 24.37
CA SER A 506 14.68 17.35 25.65
C SER A 506 15.47 16.51 26.63
N THR A 507 15.51 16.96 27.89
CA THR A 507 16.16 16.23 28.96
C THR A 507 15.16 15.71 29.99
N ASN A 508 13.86 15.84 29.71
CA ASN A 508 12.82 15.50 30.69
C ASN A 508 11.64 14.83 30.00
N ASN A 509 11.93 13.93 29.06
CA ASN A 509 10.92 13.09 28.41
C ASN A 509 9.87 13.93 27.69
N GLY A 510 10.26 15.08 27.15
CA GLY A 510 9.36 15.89 26.37
C GLY A 510 8.57 16.92 27.14
N SER A 511 8.82 17.07 28.45
CA SER A 511 8.14 18.11 29.22
CA SER A 511 8.12 18.10 29.21
C SER A 511 8.56 19.50 28.80
N SER A 512 9.75 19.64 28.22
CA SER A 512 10.22 20.92 27.70
C SER A 512 11.24 20.63 26.60
N TRP A 513 11.33 21.55 25.65
CA TRP A 513 12.21 21.40 24.51
C TRP A 513 13.04 22.67 24.32
N THR A 514 14.26 22.50 23.84
CA THR A 514 15.20 23.59 23.59
C THR A 514 15.78 23.43 22.20
N THR A 515 15.83 24.52 21.44
CA THR A 515 16.38 24.47 20.10
C THR A 515 17.86 24.11 20.14
N CYS A 516 18.25 23.14 19.32
CA CYS A 516 19.67 22.76 19.21
C CYS A 516 20.46 23.91 18.60
N GLY A 517 21.64 24.18 19.16
CA GLY A 517 22.53 25.19 18.63
C GLY A 517 23.45 24.65 17.56
N GLY A 518 24.25 25.55 17.00
CA GLY A 518 25.31 25.19 16.07
C GLY A 518 25.00 25.45 14.61
N GLY A 519 23.75 25.73 14.27
CA GLY A 519 23.38 25.99 12.89
C GLY A 519 23.04 24.77 12.07
N VAL A 520 22.70 23.66 12.70
CA VAL A 520 22.39 22.42 11.97
C VAL A 520 21.08 22.60 11.22
N PRO A 521 20.97 22.15 9.98
CA PRO A 521 19.69 22.28 9.26
C PRO A 521 18.57 21.53 9.97
N SER A 522 17.35 22.03 9.81
CA SER A 522 16.18 21.37 10.35
C SER A 522 15.67 20.32 9.38
N GLY A 523 14.75 19.49 9.87
CA GLY A 523 14.11 18.49 9.02
C GLY A 523 15.00 17.34 8.61
N LEU A 524 16.09 17.08 9.33
CA LEU A 524 16.93 15.93 9.06
C LEU A 524 16.50 14.75 9.94
N SER A 525 16.94 13.56 9.54
CA SER A 525 16.63 12.33 10.28
C SER A 525 17.76 12.06 11.26
N VAL A 526 17.51 12.33 12.54
CA VAL A 526 18.55 12.32 13.55
C VAL A 526 18.80 10.88 14.03
N GLU A 527 20.06 10.58 14.33
CA GLU A 527 20.46 9.25 14.76
C GLU A 527 21.25 9.37 16.06
N ALA A 528 20.92 8.50 17.02
CA ALA A 528 21.63 8.45 18.29
C ALA A 528 22.71 7.38 18.26
N ASP A 529 23.85 7.69 18.87
CA ASP A 529 24.86 6.67 19.11
C ASP A 529 24.29 5.58 19.99
N LYS A 530 24.73 4.34 19.75
CA LYS A 530 24.21 3.19 20.47
C LYS A 530 24.94 2.92 21.78
N VAL A 531 25.95 3.71 22.12
CA VAL A 531 26.70 3.52 23.36
C VAL A 531 26.77 4.82 24.15
N ASN A 532 27.24 5.88 23.50
CA ASN A 532 27.48 7.16 24.17
C ASN A 532 26.23 8.03 24.09
N SER A 533 25.59 8.28 25.24
CA SER A 533 24.38 9.07 25.26
C SER A 533 24.62 10.55 24.99
N ASN A 534 25.86 11.00 24.88
CA ASN A 534 26.13 12.39 24.52
C ASN A 534 26.33 12.59 23.02
N LYS A 535 26.32 11.53 22.23
CA LYS A 535 26.63 11.60 20.81
C LYS A 535 25.37 11.38 19.97
N PHE A 536 25.07 12.34 19.10
CA PHE A 536 24.00 12.24 18.12
C PHE A 536 24.55 12.64 16.77
N TYR A 537 23.90 12.14 15.71
CA TYR A 537 24.34 12.36 14.35
C TYR A 537 23.17 12.80 13.49
N ALA A 538 23.41 13.73 12.58
CA ALA A 538 22.40 14.21 11.64
C ALA A 538 23.07 14.47 10.31
N TYR A 539 22.57 13.81 9.26
CA TYR A 539 23.17 13.89 7.94
C TYR A 539 22.34 14.78 7.03
N ASP A 540 23.00 15.72 6.34
CA ASP A 540 22.36 16.60 5.37
C ASP A 540 22.61 16.04 3.97
N PRO A 541 21.62 15.41 3.34
CA PRO A 541 21.88 14.82 2.02
C PRO A 541 22.08 15.85 0.92
N VAL A 542 21.50 17.04 1.06
CA VAL A 542 21.62 18.05 0.01
C VAL A 542 23.03 18.61 -0.06
N ASN A 543 23.58 19.01 1.08
CA ASN A 543 24.95 19.48 1.13
C ASN A 543 25.97 18.35 1.18
N GLY A 544 25.52 17.13 1.43
CA GLY A 544 26.47 16.03 1.65
C GLY A 544 27.34 16.27 2.86
N LYS A 545 26.74 16.69 3.97
CA LYS A 545 27.48 17.05 5.17
C LYS A 545 26.90 16.34 6.38
N LEU A 546 27.77 15.81 7.23
CA LEU A 546 27.36 15.15 8.45
C LEU A 546 27.51 16.11 9.62
N TRP A 547 26.48 16.21 10.45
CA TRP A 547 26.49 17.02 11.65
C TRP A 547 26.54 16.09 12.86
N VAL A 548 27.36 16.45 13.85
CA VAL A 548 27.58 15.62 15.03
C VAL A 548 27.44 16.48 16.27
N SER A 549 26.74 15.94 17.27
CA SER A 549 26.67 16.54 18.60
C SER A 549 27.43 15.65 19.57
N THR A 550 28.33 16.24 20.34
CA THR A 550 29.04 15.53 21.39
C THR A 550 28.60 15.97 22.79
N ASN A 551 27.55 16.79 22.89
CA ASN A 551 27.07 17.27 24.17
C ASN A 551 25.61 16.88 24.40
N GLY A 552 25.20 15.73 23.86
CA GLY A 552 23.86 15.25 24.10
C GLY A 552 22.77 16.02 23.39
N GLY A 553 23.07 16.61 22.23
CA GLY A 553 22.08 17.31 21.44
C GLY A 553 21.95 18.79 21.72
N VAL A 554 22.70 19.34 22.67
CA VAL A 554 22.61 20.78 22.94
C VAL A 554 23.04 21.58 21.71
N SER A 555 24.09 21.12 21.02
CA SER A 555 24.63 21.81 19.87
C SER A 555 25.18 20.77 18.90
N PHE A 556 25.23 21.14 17.62
CA PHE A 556 25.83 20.30 16.58
C PHE A 556 26.93 21.06 15.86
N THR A 557 27.95 20.33 15.40
CA THR A 557 28.99 20.89 14.56
C THR A 557 29.06 20.10 13.25
N GLN A 558 29.48 20.79 12.19
CA GLN A 558 29.50 20.20 10.86
C GLN A 558 30.86 19.58 10.57
N MET A 559 30.85 18.30 10.20
CA MET A 559 32.09 17.61 9.89
C MET A 559 32.65 18.08 8.56
N SER A 560 33.97 17.92 8.40
CA SER A 560 34.64 18.41 7.20
C SER A 560 34.43 17.52 5.98
N THR A 561 33.98 16.28 6.19
CA THR A 561 33.84 15.35 5.08
C THR A 561 32.89 15.88 4.02
N SER A 562 33.29 15.74 2.76
CA SER A 562 32.46 16.11 1.61
C SER A 562 31.86 14.84 1.03
N TYR A 563 30.63 14.53 1.46
CA TYR A 563 29.91 13.38 0.96
C TYR A 563 29.30 13.70 -0.41
N PRO A 564 29.08 12.69 -1.24
CA PRO A 564 28.34 12.92 -2.49
C PRO A 564 26.96 13.49 -2.18
N THR A 565 26.60 14.56 -2.88
CA THR A 565 25.35 15.23 -2.60
C THR A 565 24.19 14.53 -3.30
N LEU A 566 22.97 14.90 -2.89
CA LEU A 566 21.74 14.36 -3.44
C LEU A 566 20.75 15.50 -3.65
N PRO A 567 19.96 15.45 -4.72
CA PRO A 567 18.90 16.44 -4.89
C PRO A 567 17.88 16.35 -3.77
N SER A 568 17.20 17.48 -3.53
CA SER A 568 16.23 17.55 -2.44
C SER A 568 15.16 16.46 -2.56
N TRP A 569 14.72 16.18 -3.78
CA TRP A 569 13.68 15.17 -4.00
C TRP A 569 14.19 13.75 -3.81
N GLN A 570 15.50 13.55 -3.71
CA GLN A 570 16.09 12.24 -3.45
C GLN A 570 16.73 12.16 -2.07
N ALA A 571 16.33 13.06 -1.15
CA ALA A 571 16.96 13.11 0.16
C ALA A 571 16.71 11.86 0.98
N TYR A 572 15.72 11.03 0.61
CA TYR A 572 15.46 9.80 1.34
C TYR A 572 16.61 8.80 1.21
N ASN A 573 17.49 8.96 0.23
CA ASN A 573 18.62 8.05 0.07
C ASN A 573 19.79 8.39 0.97
N GLY A 574 19.75 9.54 1.65
CA GLY A 574 20.81 9.94 2.57
C GLY A 574 20.41 9.66 4.00
N SER A 575 21.28 8.96 4.72
CA SER A 575 21.02 8.61 6.11
C SER A 575 22.35 8.34 6.81
N VAL A 576 22.31 8.44 8.14
CA VAL A 576 23.43 8.05 9.00
C VAL A 576 22.90 7.02 9.99
N ASN A 577 23.68 5.97 10.23
CA ASN A 577 23.21 4.79 10.93
C ASN A 577 24.29 4.28 11.87
N ALA A 578 24.01 4.30 13.16
CA ALA A 578 24.97 3.87 14.18
C ALA A 578 24.84 2.38 14.46
N VAL A 579 25.98 1.76 14.78
CA VAL A 579 26.06 0.32 14.98
C VAL A 579 25.93 0.02 16.47
N PHE A 580 25.05 -0.92 16.81
CA PHE A 580 24.89 -1.31 18.21
C PHE A 580 26.21 -1.85 18.75
N GLY A 581 26.51 -1.49 19.99
CA GLY A 581 27.69 -1.96 20.68
C GLY A 581 28.99 -1.30 20.28
N ARG A 582 28.97 -0.33 19.37
CA ARG A 582 30.20 0.27 18.85
C ARG A 582 30.04 1.79 18.80
N GLU A 583 30.56 2.47 19.82
CA GLU A 583 30.48 3.91 19.88
C GLU A 583 31.21 4.53 18.70
N GLY A 584 30.60 5.55 18.10
CA GLY A 584 31.23 6.26 17.02
C GLY A 584 31.32 5.50 15.72
N ASP A 585 30.71 4.32 15.64
CA ASP A 585 30.68 3.53 14.42
C ASP A 585 29.39 3.85 13.67
N ILE A 586 29.49 4.61 12.59
CA ILE A 586 28.33 5.04 11.83
C ILE A 586 28.54 4.79 10.35
N TRP A 587 27.45 4.49 9.65
CA TRP A 587 27.45 4.26 8.22
C TRP A 587 26.53 5.27 7.56
N ILE A 588 26.98 5.84 6.45
CA ILE A 588 26.27 6.91 5.76
C ILE A 588 25.94 6.43 4.35
N THR A 589 24.64 6.47 4.01
CA THR A 589 24.18 6.17 2.67
C THR A 589 24.04 7.46 1.88
N CYS A 590 24.41 7.43 0.60
CA CYS A 590 24.30 8.62 -0.26
C CYS A 590 23.66 8.27 -1.60
N GLY A 591 22.83 7.23 -1.64
CA GLY A 591 22.17 6.88 -2.88
C GLY A 591 23.18 6.45 -3.94
N ALA A 592 23.07 7.05 -5.13
CA ALA A 592 24.03 6.76 -6.19
C ALA A 592 25.45 7.17 -5.84
N GLY A 593 25.63 7.96 -4.78
CA GLY A 593 26.97 8.32 -4.33
C GLY A 593 27.69 7.24 -3.56
N GLY A 594 27.00 6.16 -3.20
CA GLY A 594 27.64 5.03 -2.56
C GLY A 594 27.39 4.98 -1.06
N LEU A 595 28.28 4.26 -0.39
CA LEU A 595 28.18 3.99 1.05
C LEU A 595 29.50 4.39 1.70
N TYR A 596 29.40 5.13 2.81
CA TYR A 596 30.57 5.62 3.53
C TYR A 596 30.52 5.14 4.97
N HIS A 597 31.69 4.97 5.57
CA HIS A 597 31.83 4.40 6.91
C HIS A 597 32.79 5.24 7.73
N SER A 598 32.38 5.56 8.97
CA SER A 598 33.23 6.28 9.91
C SER A 598 33.29 5.51 11.21
N THR A 599 34.49 5.41 11.78
CA THR A 599 34.69 4.74 13.07
C THR A 599 35.20 5.69 14.15
N ASN A 600 35.18 6.99 13.90
CA ASN A 600 35.64 7.99 14.88
C ASN A 600 34.56 9.05 15.09
N SER A 601 33.32 8.61 15.25
CA SER A 601 32.20 9.49 15.57
C SER A 601 31.98 10.55 14.51
N GLY A 602 32.29 10.24 13.25
CA GLY A 602 32.03 11.13 12.15
C GLY A 602 33.14 12.13 11.85
N ALA A 603 34.23 12.12 12.61
CA ALA A 603 35.33 13.04 12.35
C ALA A 603 35.87 12.85 10.93
N SER A 604 35.93 11.61 10.46
CA SER A 604 36.35 11.31 9.10
C SER A 604 35.64 10.05 8.63
N ALA A 605 35.38 9.97 7.33
CA ALA A 605 34.66 8.86 6.74
C ALA A 605 35.40 8.37 5.50
N THR A 606 35.26 7.08 5.23
CA THR A 606 35.91 6.44 4.08
C THR A 606 34.86 5.76 3.22
N LYS A 607 35.04 5.86 1.90
CA LYS A 607 34.10 5.24 0.98
C LYS A 607 34.24 3.72 1.01
N VAL A 608 33.10 3.03 1.04
CA VAL A 608 33.06 1.58 0.92
C VAL A 608 33.01 1.26 -0.57
N ASN A 609 34.18 0.97 -1.15
CA ASN A 609 34.29 0.82 -2.60
C ASN A 609 33.56 -0.41 -3.13
N SER A 610 33.24 -1.37 -2.27
CA SER A 610 32.53 -2.56 -2.74
C SER A 610 31.08 -2.28 -3.10
N VAL A 611 30.52 -1.16 -2.63
CA VAL A 611 29.12 -0.83 -2.84
C VAL A 611 29.02 0.26 -3.89
N GLN A 612 28.14 0.05 -4.87
CA GLN A 612 27.93 1.03 -5.93
C GLN A 612 26.92 2.09 -5.51
N GLU A 613 25.75 1.68 -5.04
CA GLU A 613 24.72 2.58 -4.55
C GLU A 613 24.16 2.05 -3.24
N ALA A 614 23.75 2.96 -2.35
CA ALA A 614 23.26 2.59 -1.03
C ALA A 614 22.05 3.44 -0.67
N TYR A 615 20.91 2.79 -0.43
CA TYR A 615 19.66 3.47 -0.10
C TYR A 615 19.28 3.35 1.37
N SER A 616 19.55 2.21 2.00
CA SER A 616 19.30 2.03 3.41
C SER A 616 20.17 0.89 3.91
N ILE A 617 20.49 0.93 5.20
CA ILE A 617 21.43 -0.03 5.78
C ILE A 617 20.99 -0.39 7.20
N GLY A 618 21.25 -1.63 7.59
CA GLY A 618 20.92 -2.10 8.92
C GLY A 618 21.97 -3.06 9.43
N PHE A 619 21.83 -3.44 10.69
CA PHE A 619 22.83 -4.26 11.37
C PHE A 619 22.16 -5.29 12.24
N GLY A 620 22.75 -6.48 12.31
CA GLY A 620 22.21 -7.55 13.11
C GLY A 620 23.26 -8.42 13.78
N LYS A 621 22.81 -9.49 14.43
CA LYS A 621 23.71 -10.38 15.15
C LYS A 621 24.83 -10.89 14.24
N ALA A 622 26.06 -10.87 14.75
CA ALA A 622 27.20 -11.37 14.00
C ALA A 622 27.14 -12.88 13.87
N LYS A 623 27.75 -13.40 12.81
CA LYS A 623 27.70 -14.84 12.57
C LYS A 623 28.43 -15.61 13.67
N THR A 624 29.56 -15.09 14.13
CA THR A 624 30.31 -15.71 15.21
CA THR A 624 30.33 -15.70 15.20
C THR A 624 30.53 -14.69 16.32
N SER A 625 30.72 -15.21 17.54
CA SER A 625 30.96 -14.34 18.68
C SER A 625 32.26 -13.57 18.50
N GLY A 626 32.21 -12.27 18.76
CA GLY A 626 33.35 -11.41 18.55
C GLY A 626 33.47 -10.79 17.18
N GLY A 627 32.71 -11.30 16.20
CA GLY A 627 32.76 -10.74 14.87
C GLY A 627 31.99 -9.45 14.75
N TYR A 628 32.30 -8.71 13.68
CA TYR A 628 31.56 -7.49 13.39
C TYR A 628 30.09 -7.83 13.12
N PRO A 629 29.16 -7.00 13.57
CA PRO A 629 27.74 -7.28 13.31
C PRO A 629 27.49 -7.48 11.83
N ALA A 630 26.52 -8.35 11.53
CA ALA A 630 26.12 -8.54 10.14
C ALA A 630 25.52 -7.24 9.61
N ILE A 631 25.87 -6.91 8.37
CA ILE A 631 25.43 -5.67 7.74
C ILE A 631 24.42 -6.01 6.66
N TYR A 632 23.25 -5.38 6.73
CA TYR A 632 22.18 -5.60 5.76
C TYR A 632 21.99 -4.33 4.95
N LEU A 633 22.07 -4.46 3.64
CA LEU A 633 22.15 -3.32 2.75
C LEU A 633 21.11 -3.44 1.65
N HIS A 634 20.34 -2.38 1.44
CA HIS A 634 19.52 -2.24 0.25
C HIS A 634 20.21 -1.22 -0.66
N GLY A 635 20.64 -1.68 -1.83
CA GLY A 635 21.35 -0.81 -2.75
C GLY A 635 21.78 -1.57 -3.99
N ILE A 636 22.86 -1.12 -4.62
CA ILE A 636 23.38 -1.75 -5.84
C ILE A 636 24.81 -2.18 -5.58
N VAL A 637 25.09 -3.46 -5.82
CA VAL A 637 26.43 -4.03 -5.69
C VAL A 637 26.77 -4.71 -7.01
N ASN A 638 27.85 -4.26 -7.65
CA ASN A 638 28.26 -4.78 -8.96
C ASN A 638 27.11 -4.71 -9.97
N GLY A 639 26.42 -3.58 -9.98
CA GLY A 639 25.32 -3.38 -10.91
C GLY A 639 24.04 -4.13 -10.57
N VAL A 640 24.02 -4.88 -9.48
CA VAL A 640 22.84 -5.67 -9.10
C VAL A 640 22.07 -4.92 -8.03
N LEU A 641 20.83 -4.57 -8.35
CA LEU A 641 19.92 -3.99 -7.37
C LEU A 641 19.31 -5.11 -6.53
N GLY A 642 19.34 -4.95 -5.21
CA GLY A 642 18.77 -5.99 -4.37
C GLY A 642 19.07 -5.74 -2.91
N ILE A 643 19.06 -6.82 -2.14
CA ILE A 643 19.33 -6.81 -0.71
C ILE A 643 20.53 -7.69 -0.47
N PHE A 644 21.50 -7.19 0.29
CA PHE A 644 22.78 -7.86 0.47
C PHE A 644 23.14 -7.91 1.95
N ARG A 645 23.96 -8.90 2.30
CA ARG A 645 24.46 -9.07 3.65
C ARG A 645 25.97 -9.25 3.59
N SER A 646 26.69 -8.54 4.46
CA SER A 646 28.13 -8.69 4.59
C SER A 646 28.46 -9.19 5.98
N ASP A 647 29.25 -10.25 6.06
CA ASP A 647 29.68 -10.82 7.32
C ASP A 647 31.10 -10.44 7.70
N ASP A 648 31.76 -9.59 6.91
CA ASP A 648 33.16 -9.25 7.15
C ASP A 648 33.36 -7.74 7.24
N GLY A 649 32.38 -7.02 7.77
CA GLY A 649 32.54 -5.59 7.98
C GLY A 649 32.39 -4.72 6.75
N GLY A 650 31.82 -5.26 5.66
CA GLY A 650 31.52 -4.46 4.50
C GLY A 650 32.45 -4.60 3.31
N SER A 651 33.40 -5.54 3.34
CA SER A 651 34.30 -5.69 2.20
C SER A 651 33.75 -6.62 1.13
N THR A 652 33.00 -7.66 1.50
CA THR A 652 32.38 -8.56 0.55
C THR A 652 30.90 -8.70 0.90
N TRP A 653 30.08 -8.97 -0.11
CA TRP A 653 28.64 -9.01 0.07
C TRP A 653 28.05 -10.27 -0.55
N THR A 654 26.98 -10.76 0.08
CA THR A 654 26.20 -11.89 -0.41
C THR A 654 24.76 -11.41 -0.60
N ARG A 655 24.23 -11.64 -1.80
CA ARG A 655 22.85 -11.24 -2.06
C ARG A 655 21.89 -12.18 -1.35
N ILE A 656 20.94 -11.62 -0.60
CA ILE A 656 20.03 -12.42 0.21
C ILE A 656 18.60 -12.34 -0.32
N ASN A 657 18.41 -11.82 -1.53
CA ASN A 657 17.12 -11.89 -2.20
C ASN A 657 17.36 -12.22 -3.66
N ASP A 658 16.28 -12.37 -4.43
CA ASP A 658 16.36 -12.56 -5.86
C ASP A 658 15.44 -11.55 -6.55
N ASP A 659 15.41 -11.59 -7.88
CA ASP A 659 14.63 -10.63 -8.64
C ASP A 659 13.13 -10.79 -8.45
N ASN A 660 12.68 -11.91 -7.89
CA ASN A 660 11.27 -12.08 -7.56
C ASN A 660 10.92 -11.62 -6.15
N HIS A 661 11.89 -11.10 -5.41
CA HIS A 661 11.67 -10.65 -4.04
C HIS A 661 12.36 -9.30 -3.83
N GLN A 662 11.97 -8.32 -4.64
CA GLN A 662 12.45 -6.95 -4.51
C GLN A 662 11.47 -6.06 -3.77
N PHE A 663 10.17 -6.37 -3.85
CA PHE A 663 9.11 -5.76 -3.03
C PHE A 663 8.78 -4.33 -3.43
N GLY A 664 9.18 -3.90 -4.62
CA GLY A 664 8.86 -2.56 -5.05
C GLY A 664 9.79 -1.52 -4.47
N TRP A 665 9.25 -0.61 -3.65
CA TRP A 665 10.03 0.47 -3.07
C TRP A 665 10.29 0.16 -1.59
N ILE A 666 11.55 -0.10 -1.27
CA ILE A 666 11.95 -0.39 0.11
C ILE A 666 12.26 0.92 0.82
N HIS A 667 11.61 1.15 1.95
CA HIS A 667 11.80 2.39 2.71
C HIS A 667 13.04 2.32 3.59
N MET A 668 13.25 1.20 4.26
CA MET A 668 14.40 1.05 5.14
C MET A 668 14.61 -0.44 5.42
N ILE A 669 15.66 -0.74 6.18
CA ILE A 669 16.06 -2.11 6.45
C ILE A 669 16.74 -2.16 7.82
N ARG A 670 16.46 -3.23 8.56
CA ARG A 670 17.04 -3.44 9.89
C ARG A 670 17.44 -4.90 10.05
N GLY A 671 18.46 -5.13 10.87
CA GLY A 671 18.80 -6.45 11.32
C GLY A 671 18.14 -6.78 12.64
N ASP A 672 18.57 -7.91 13.22
CA ASP A 672 18.06 -8.36 14.50
C ASP A 672 19.22 -8.80 15.38
N GLN A 673 19.31 -8.24 16.58
CA GLN A 673 20.41 -8.54 17.48
C GLN A 673 20.33 -9.92 18.10
N ARG A 674 19.15 -10.57 18.06
CA ARG A 674 18.97 -11.86 18.69
C ARG A 674 19.08 -13.03 17.74
N THR A 675 18.93 -12.82 16.44
CA THR A 675 18.91 -13.91 15.47
C THR A 675 19.80 -13.56 14.30
N TYR A 676 20.82 -14.38 14.07
CA TYR A 676 21.69 -14.18 12.92
C TYR A 676 20.94 -14.48 11.63
N GLY A 677 21.18 -13.66 10.61
CA GLY A 677 20.55 -13.83 9.32
C GLY A 677 19.20 -13.15 9.18
N LEU A 678 18.57 -12.79 10.29
CA LEU A 678 17.23 -12.21 10.26
C LEU A 678 17.29 -10.77 9.79
N CYS A 679 16.42 -10.43 8.84
CA CYS A 679 16.46 -9.14 8.17
C CYS A 679 15.03 -8.62 8.06
N TYR A 680 14.84 -7.35 8.45
CA TYR A 680 13.54 -6.71 8.37
C TYR A 680 13.55 -5.66 7.26
N VAL A 681 12.56 -5.73 6.37
CA VAL A 681 12.44 -4.82 5.25
C VAL A 681 11.08 -4.13 5.31
N SER A 682 11.08 -2.80 5.26
CA SER A 682 9.86 -2.02 5.12
C SER A 682 9.68 -1.64 3.66
N ALA A 683 8.57 -2.07 3.06
CA ALA A 683 8.29 -1.82 1.66
C ALA A 683 6.97 -1.07 1.51
N GLU A 684 6.96 -0.10 0.60
CA GLU A 684 5.80 0.75 0.40
C GLU A 684 4.58 -0.09 0.02
N GLY A 685 3.54 -0.03 0.86
CA GLY A 685 2.31 -0.74 0.58
C GLY A 685 2.41 -2.24 0.68
N ARG A 686 3.50 -2.77 1.23
CA ARG A 686 3.67 -4.21 1.39
C ARG A 686 4.05 -4.58 2.82
N GLY A 687 3.83 -3.68 3.78
CA GLY A 687 4.09 -3.95 5.18
C GLY A 687 5.56 -4.20 5.46
N VAL A 688 5.82 -5.00 6.49
CA VAL A 688 7.17 -5.41 6.84
C VAL A 688 7.36 -6.85 6.40
N ILE A 689 8.41 -7.10 5.61
CA ILE A 689 8.78 -8.44 5.17
C ILE A 689 10.09 -8.79 5.84
N TYR A 690 10.15 -9.96 6.43
CA TYR A 690 11.36 -10.42 7.10
C TYR A 690 11.94 -11.63 6.36
N GLY A 691 13.26 -11.69 6.32
CA GLY A 691 13.97 -12.74 5.60
C GLY A 691 14.87 -13.53 6.52
N LEU A 692 14.89 -14.85 6.32
CA LEU A 692 15.73 -15.79 7.04
C LEU A 692 16.41 -16.71 6.03
N PRO A 693 17.62 -17.16 6.31
CA PRO A 693 18.24 -18.17 5.45
C PRO A 693 17.36 -19.41 5.36
N THR A 694 17.17 -19.88 4.14
CA THR A 694 16.34 -21.07 3.91
C THR A 694 17.11 -22.32 4.37
N PRO A 695 16.48 -23.20 5.15
CA PRO A 695 17.16 -24.44 5.55
C PRO A 695 17.43 -25.33 4.36
N THR A 696 18.60 -25.96 4.35
CA THR A 696 19.01 -26.85 3.27
C THR A 696 18.40 -28.24 3.46
#